data_8JXK
#
_entry.id   8JXK
#
_cell.length_a   102.170
_cell.length_b   102.170
_cell.length_c   191.880
_cell.angle_alpha   90.000
_cell.angle_beta   90.000
_cell.angle_gamma   120.000
#
_symmetry.space_group_name_H-M   'P 61'
#
loop_
_entity.id
_entity.type
_entity.pdbx_description
1 polymer 'Conserved protein'
2 water water
#
_entity_poly.entity_id   1
_entity_poly.type   'polypeptide(L)'
_entity_poly.pdbx_seq_one_letter_code
;EFMLELAILGLLIESPMHGYELRKRLTGLLGAFRAFSYGSLYPALRRMQADGLIAENAAPAGTPVRRARRVYQLTDKGRR
RFGELVADTGPHNYTDDGFGVHLAFFNRTPAEARMRILEGRRRQVEERREGLREAVARASSSFDRYTRQLHQLGLESSER
EVKWLNELIAAERAAPNPAEQT
;
_entity_poly.pdbx_strand_id   A,B,C,D,E,F
#
# COMPACT_ATOMS: atom_id res chain seq x y z
N PHE A 2 3.16 8.68 -45.60
CA PHE A 2 3.79 7.61 -44.72
C PHE A 2 3.94 8.11 -43.28
N MET A 3 4.61 9.29 -43.15
CA MET A 3 4.82 9.91 -41.86
C MET A 3 3.49 10.26 -41.19
N LEU A 4 2.48 10.60 -42.01
CA LEU A 4 1.13 10.76 -41.50
C LEU A 4 0.61 9.45 -40.93
N GLU A 5 0.65 8.37 -41.72
CA GLU A 5 0.02 7.12 -41.29
C GLU A 5 0.70 6.66 -40.01
N LEU A 6 2.04 6.64 -40.04
CA LEU A 6 2.85 6.31 -38.88
C LEU A 6 2.42 7.13 -37.67
N ALA A 7 2.27 8.44 -37.86
CA ALA A 7 1.86 9.31 -36.77
C ALA A 7 0.52 8.85 -36.23
N ILE A 8 -0.41 8.58 -37.14
CA ILE A 8 -1.79 8.29 -36.77
C ILE A 8 -1.82 6.94 -36.05
N LEU A 9 -1.31 5.91 -36.74
CA LEU A 9 -1.29 4.56 -36.22
C LEU A 9 -0.58 4.53 -34.86
N GLY A 10 0.54 5.25 -34.76
CA GLY A 10 1.35 5.25 -33.56
C GLY A 10 0.64 5.92 -32.39
N LEU A 11 -0.24 6.89 -32.70
CA LEU A 11 -0.98 7.59 -31.66
C LEU A 11 -2.10 6.68 -31.17
N LEU A 12 -2.80 6.06 -32.13
CA LEU A 12 -3.98 5.27 -31.85
C LEU A 12 -3.61 4.02 -31.06
N ILE A 13 -2.42 3.47 -31.30
CA ILE A 13 -1.93 2.30 -30.59
C ILE A 13 -1.94 2.53 -29.07
N GLU A 14 -1.62 3.77 -28.65
CA GLU A 14 -1.60 4.15 -27.25
C GLU A 14 -2.97 3.93 -26.61
N SER A 15 -4.01 4.54 -27.20
CA SER A 15 -5.41 4.32 -26.83
C SER A 15 -6.34 4.89 -27.90
N PRO A 16 -7.63 4.47 -27.99
CA PRO A 16 -8.57 5.07 -28.95
C PRO A 16 -8.78 6.55 -28.67
N MET A 17 -9.04 7.35 -29.71
CA MET A 17 -9.09 8.81 -29.54
C MET A 17 -10.18 9.43 -30.42
N HIS A 18 -10.69 10.58 -29.96
CA HIS A 18 -11.61 11.40 -30.73
C HIS A 18 -10.79 12.27 -31.68
N GLY A 19 -11.44 12.69 -32.79
CA GLY A 19 -10.81 13.53 -33.79
C GLY A 19 -10.04 14.69 -33.17
N TYR A 20 -10.67 15.42 -32.22
CA TYR A 20 -10.07 16.54 -31.53
C TYR A 20 -8.70 16.18 -30.94
N GLU A 21 -8.62 15.04 -30.24
CA GLU A 21 -7.40 14.58 -29.60
C GLU A 21 -6.28 14.34 -30.63
N LEU A 22 -6.61 13.62 -31.71
CA LEU A 22 -5.66 13.27 -32.74
C LEU A 22 -5.03 14.53 -33.36
N ARG A 23 -5.86 15.49 -33.77
CA ARG A 23 -5.40 16.76 -34.32
C ARG A 23 -4.45 17.46 -33.33
N LYS A 24 -4.85 17.48 -32.06
CA LYS A 24 -4.05 18.09 -31.02
C LYS A 24 -2.71 17.38 -30.94
N ARG A 25 -2.75 16.05 -30.81
CA ARG A 25 -1.55 15.24 -30.64
C ARG A 25 -0.68 15.37 -31.89
N LEU A 26 -1.28 15.24 -33.08
CA LEU A 26 -0.60 15.41 -34.34
C LEU A 26 0.19 16.72 -34.39
N THR A 27 -0.44 17.81 -33.96
CA THR A 27 0.24 19.09 -33.95
C THR A 27 1.43 19.04 -32.99
N GLY A 28 1.22 18.36 -31.86
CA GLY A 28 2.23 18.25 -30.82
C GLY A 28 3.45 17.49 -31.29
N LEU A 29 3.27 16.51 -32.21
CA LEU A 29 4.34 15.71 -32.75
C LEU A 29 5.26 16.53 -33.66
N LEU A 30 4.75 17.60 -34.27
CA LEU A 30 5.56 18.45 -35.14
C LEU A 30 6.07 19.75 -34.48
N GLY A 31 5.31 20.37 -33.59
CA GLY A 31 5.63 21.64 -33.01
C GLY A 31 5.27 22.81 -33.93
N ALA A 32 4.00 22.88 -34.40
CA ALA A 32 3.61 23.75 -35.51
C ALA A 32 3.00 25.10 -35.04
N PHE A 33 2.57 25.17 -33.77
CA PHE A 33 1.86 26.34 -33.30
C PHE A 33 0.66 26.56 -34.20
N ARG A 34 -0.07 25.49 -34.50
CA ARG A 34 -1.18 25.46 -35.45
C ARG A 34 -1.85 24.12 -35.27
N ALA A 35 -3.19 24.09 -35.20
CA ALA A 35 -3.88 22.83 -35.45
C ALA A 35 -3.34 22.26 -36.76
N PHE A 36 -3.13 20.92 -36.74
CA PHE A 36 -2.96 20.16 -37.96
C PHE A 36 -4.24 20.33 -38.76
N SER A 37 -4.11 20.61 -40.07
CA SER A 37 -5.28 21.00 -40.87
C SER A 37 -6.28 19.84 -40.97
N TYR A 38 -7.57 20.18 -40.85
CA TYR A 38 -8.62 19.17 -40.81
C TYR A 38 -8.69 18.44 -42.15
N GLY A 39 -8.64 19.21 -43.24
CA GLY A 39 -8.72 18.66 -44.58
C GLY A 39 -7.43 18.00 -45.04
N SER A 40 -6.46 17.88 -44.13
CA SER A 40 -5.35 16.96 -44.31
C SER A 40 -5.58 15.68 -43.50
N LEU A 41 -6.14 15.84 -42.28
CA LEU A 41 -6.35 14.74 -41.36
C LEU A 41 -7.52 13.84 -41.78
N TYR A 42 -8.70 14.43 -41.98
CA TYR A 42 -9.93 13.66 -42.16
C TYR A 42 -9.91 12.80 -43.43
N PRO A 43 -9.38 13.27 -44.59
CA PRO A 43 -9.27 12.40 -45.77
C PRO A 43 -8.35 11.20 -45.55
N ALA A 44 -7.29 11.37 -44.74
CA ALA A 44 -6.42 10.29 -44.34
C ALA A 44 -7.18 9.23 -43.54
N LEU A 45 -8.08 9.68 -42.65
CA LEU A 45 -8.88 8.79 -41.83
C LEU A 45 -9.91 8.03 -42.67
N ARG A 46 -10.50 8.72 -43.66
CA ARG A 46 -11.44 8.10 -44.59
C ARG A 46 -10.74 7.00 -45.38
N ARG A 47 -9.52 7.31 -45.87
CA ARG A 47 -8.66 6.35 -46.55
C ARG A 47 -8.28 5.22 -45.60
N MET A 48 -7.81 5.57 -44.41
CA MET A 48 -7.27 4.58 -43.49
C MET A 48 -8.37 3.67 -42.96
N GLN A 49 -9.61 4.20 -42.91
CA GLN A 49 -10.79 3.39 -42.63
C GLN A 49 -11.01 2.38 -43.75
N ALA A 50 -10.88 2.84 -45.01
CA ALA A 50 -11.18 2.07 -46.21
C ALA A 50 -10.24 0.88 -46.32
N ASP A 51 -8.95 1.11 -46.06
CA ASP A 51 -7.93 0.08 -46.09
C ASP A 51 -8.03 -0.87 -44.89
N GLY A 52 -8.92 -0.55 -43.92
CA GLY A 52 -9.19 -1.43 -42.80
C GLY A 52 -8.09 -1.37 -41.74
N LEU A 53 -7.58 -0.15 -41.52
CA LEU A 53 -6.51 0.11 -40.58
C LEU A 53 -7.10 0.73 -39.33
N ILE A 54 -8.23 1.44 -39.48
CA ILE A 54 -8.95 2.05 -38.37
C ILE A 54 -10.45 1.75 -38.50
N ALA A 55 -11.18 2.02 -37.41
CA ALA A 55 -12.63 1.96 -37.33
C ALA A 55 -13.17 3.15 -36.53
N GLU A 56 -14.37 3.64 -36.89
CA GLU A 56 -14.99 4.80 -36.26
C GLU A 56 -16.26 4.39 -35.51
N ASN A 57 -16.42 4.86 -34.27
CA ASN A 57 -17.64 4.70 -33.48
C ASN A 57 -18.29 6.07 -33.30
N ARG A 69 -14.56 14.93 -33.69
CA ARG A 69 -15.81 14.28 -34.18
C ARG A 69 -16.08 13.02 -33.36
N ARG A 70 -15.99 11.84 -34.00
CA ARG A 70 -16.28 10.55 -33.42
C ARG A 70 -15.04 10.06 -32.66
N VAL A 71 -15.10 8.81 -32.16
CA VAL A 71 -13.92 8.13 -31.61
C VAL A 71 -13.40 7.14 -32.65
N TYR A 72 -12.06 7.06 -32.76
CA TYR A 72 -11.35 6.24 -33.71
C TYR A 72 -10.45 5.24 -32.99
N GLN A 73 -10.48 3.99 -33.47
CA GLN A 73 -9.76 2.86 -32.91
C GLN A 73 -8.95 2.21 -34.02
N LEU A 74 -7.92 1.49 -33.61
CA LEU A 74 -7.03 0.77 -34.50
C LEU A 74 -7.61 -0.64 -34.72
N THR A 75 -7.41 -1.20 -35.91
CA THR A 75 -7.80 -2.58 -36.22
C THR A 75 -6.63 -3.52 -35.95
N ASP A 76 -6.86 -4.83 -36.14
CA ASP A 76 -5.77 -5.80 -36.12
C ASP A 76 -4.82 -5.56 -37.28
N LYS A 77 -5.39 -5.36 -38.48
CA LYS A 77 -4.64 -4.97 -39.66
C LYS A 77 -3.88 -3.68 -39.37
N GLY A 78 -4.52 -2.77 -38.64
CA GLY A 78 -3.90 -1.55 -38.12
C GLY A 78 -2.65 -1.83 -37.28
N ARG A 79 -2.79 -2.70 -36.26
CA ARG A 79 -1.69 -3.02 -35.36
C ARG A 79 -0.50 -3.61 -36.13
N ARG A 80 -0.78 -4.47 -37.12
CA ARG A 80 0.24 -5.04 -38.00
C ARG A 80 0.94 -3.95 -38.81
N ARG A 81 0.12 -3.08 -39.44
CA ARG A 81 0.64 -2.07 -40.35
C ARG A 81 1.61 -1.13 -39.62
N PHE A 82 1.26 -0.78 -38.38
CA PHE A 82 2.13 0.01 -37.53
C PHE A 82 3.46 -0.73 -37.36
N GLY A 83 3.36 -2.01 -37.01
CA GLY A 83 4.54 -2.83 -36.78
C GLY A 83 5.50 -2.83 -37.97
N GLU A 84 4.93 -2.76 -39.19
CA GLU A 84 5.74 -2.57 -40.38
C GLU A 84 6.41 -1.20 -40.32
N LEU A 85 5.62 -0.14 -40.17
CA LEU A 85 6.09 1.22 -40.37
C LEU A 85 7.14 1.59 -39.33
N VAL A 86 6.95 1.19 -38.06
CA VAL A 86 7.95 1.49 -37.05
C VAL A 86 9.27 0.84 -37.41
N ALA A 87 9.24 -0.32 -38.07
CA ALA A 87 10.46 -1.00 -38.48
C ALA A 87 11.16 -0.26 -39.61
N ASP A 88 10.39 0.45 -40.46
CA ASP A 88 10.90 1.10 -41.66
C ASP A 88 12.01 2.10 -41.33
N THR A 89 13.01 2.20 -42.20
CA THR A 89 14.17 3.05 -42.01
C THR A 89 14.51 3.80 -43.30
N GLY A 90 13.55 3.90 -44.23
CA GLY A 90 13.72 4.52 -45.54
C GLY A 90 13.98 6.02 -45.46
N PRO A 91 14.45 6.67 -46.56
CA PRO A 91 14.69 8.12 -46.57
C PRO A 91 13.57 8.99 -46.03
N HIS A 92 12.33 8.49 -46.10
CA HIS A 92 11.13 9.11 -45.53
C HIS A 92 11.38 9.49 -44.06
N ASN A 93 12.23 8.73 -43.36
CA ASN A 93 12.43 8.87 -41.93
C ASN A 93 13.50 9.91 -41.59
N TYR A 94 14.22 10.46 -42.60
CA TYR A 94 15.37 11.28 -42.26
C TYR A 94 15.06 12.77 -42.34
N THR A 95 13.92 13.13 -42.95
CA THR A 95 13.50 14.52 -43.04
C THR A 95 13.08 15.00 -41.66
N ASP A 96 13.02 16.33 -41.50
CA ASP A 96 12.76 16.99 -40.23
C ASP A 96 11.50 16.43 -39.58
N ASP A 97 10.40 16.43 -40.33
CA ASP A 97 9.12 15.93 -39.87
C ASP A 97 9.17 14.41 -39.77
N GLY A 98 9.75 13.75 -40.78
CA GLY A 98 9.88 12.30 -40.79
C GLY A 98 10.56 11.80 -39.52
N PHE A 99 11.65 12.47 -39.15
CA PHE A 99 12.49 12.05 -38.04
C PHE A 99 11.75 12.21 -36.74
N GLY A 100 11.23 13.42 -36.49
CA GLY A 100 10.52 13.78 -35.28
C GLY A 100 9.32 12.87 -35.00
N VAL A 101 8.57 12.52 -36.06
CA VAL A 101 7.47 11.57 -35.94
C VAL A 101 8.00 10.21 -35.52
N HIS A 102 9.03 9.69 -36.20
CA HIS A 102 9.53 8.35 -35.91
C HIS A 102 10.13 8.34 -34.50
N LEU A 103 10.87 9.41 -34.18
CA LEU A 103 11.57 9.51 -32.91
C LEU A 103 10.58 9.38 -31.74
N ALA A 104 9.34 9.85 -31.96
CA ALA A 104 8.27 9.73 -30.97
C ALA A 104 8.10 8.26 -30.58
N PHE A 105 8.04 7.40 -31.61
CA PHE A 105 7.73 5.99 -31.43
C PHE A 105 9.00 5.15 -31.36
N PHE A 106 10.13 5.74 -30.95
CA PHE A 106 11.32 4.95 -30.72
C PHE A 106 11.06 3.88 -29.65
N ASN A 107 10.11 4.16 -28.73
CA ASN A 107 9.68 3.21 -27.70
C ASN A 107 9.38 1.85 -28.33
N ARG A 108 8.77 1.86 -29.54
CA ARG A 108 8.32 0.67 -30.23
C ARG A 108 9.12 0.45 -31.52
N THR A 109 10.36 0.97 -31.61
CA THR A 109 11.20 0.80 -32.79
C THR A 109 12.39 -0.11 -32.45
N PRO A 110 12.61 -1.24 -33.17
CA PRO A 110 13.70 -2.17 -32.86
C PRO A 110 15.07 -1.51 -32.91
N ALA A 111 15.97 -1.95 -32.03
CA ALA A 111 17.29 -1.35 -31.83
C ALA A 111 18.03 -1.16 -33.15
N GLU A 112 17.90 -2.13 -34.06
CA GLU A 112 18.52 -2.06 -35.38
C GLU A 112 17.98 -0.86 -36.14
N ALA A 113 16.64 -0.77 -36.25
CA ALA A 113 15.99 0.29 -37.01
C ALA A 113 16.32 1.65 -36.41
N ARG A 114 16.24 1.75 -35.08
CA ARG A 114 16.60 2.99 -34.38
C ARG A 114 17.97 3.45 -34.85
N MET A 115 18.93 2.54 -34.86
CA MET A 115 20.31 2.87 -35.17
C MET A 115 20.39 3.37 -36.62
N ARG A 116 19.68 2.70 -37.54
CA ARG A 116 19.70 3.07 -38.94
C ARG A 116 19.12 4.46 -39.10
N ILE A 117 17.97 4.70 -38.46
CA ILE A 117 17.27 5.98 -38.58
C ILE A 117 18.17 7.12 -38.09
N LEU A 118 18.76 6.96 -36.89
CA LEU A 118 19.69 7.93 -36.35
C LEU A 118 20.82 8.24 -37.34
N GLU A 119 21.33 7.21 -38.03
CA GLU A 119 22.45 7.41 -38.93
C GLU A 119 21.96 8.13 -40.18
N GLY A 120 20.80 7.72 -40.72
CA GLY A 120 20.22 8.38 -41.86
C GLY A 120 19.92 9.86 -41.59
N ARG A 121 19.52 10.16 -40.36
CA ARG A 121 19.30 11.53 -39.95
C ARG A 121 20.65 12.25 -39.90
N ARG A 122 21.66 11.60 -39.30
CA ARG A 122 22.98 12.19 -39.17
C ARG A 122 23.57 12.51 -40.54
N ARG A 123 23.33 11.65 -41.54
CA ARG A 123 23.76 11.90 -42.90
C ARG A 123 23.09 13.17 -43.42
N GLN A 124 21.79 13.31 -43.13
CA GLN A 124 21.06 14.46 -43.64
C GLN A 124 21.55 15.76 -43.02
N VAL A 125 21.77 15.76 -41.69
CA VAL A 125 22.16 16.99 -41.03
C VAL A 125 23.61 17.31 -41.37
N GLU A 126 24.45 16.27 -41.49
CA GLU A 126 25.84 16.43 -41.87
C GLU A 126 25.91 17.17 -43.20
N GLU A 127 25.09 16.75 -44.17
CA GLU A 127 25.13 17.32 -45.51
C GLU A 127 24.68 18.77 -45.45
N ARG A 128 23.66 19.03 -44.61
CA ARG A 128 23.16 20.38 -44.42
C ARG A 128 24.27 21.27 -43.90
N ARG A 129 24.96 20.80 -42.86
CA ARG A 129 26.09 21.48 -42.27
C ARG A 129 27.18 21.79 -43.31
N GLU A 130 27.44 20.85 -44.23
CA GLU A 130 28.49 21.00 -45.20
C GLU A 130 28.13 22.13 -46.16
N GLY A 131 26.90 22.10 -46.69
CA GLY A 131 26.39 23.14 -47.56
C GLY A 131 26.49 24.51 -46.90
N LEU A 132 26.27 24.56 -45.59
CA LEU A 132 26.27 25.79 -44.85
C LEU A 132 27.68 26.31 -44.57
N ARG A 133 28.62 25.40 -44.23
CA ARG A 133 30.04 25.74 -44.14
C ARG A 133 30.49 26.29 -45.49
N GLU A 134 30.14 25.58 -46.58
CA GLU A 134 30.49 25.98 -47.92
C GLU A 134 29.87 27.34 -48.24
N ALA A 135 28.64 27.58 -47.77
CA ALA A 135 27.93 28.82 -48.05
C ALA A 135 28.66 30.01 -47.41
N VAL A 136 29.10 29.84 -46.16
CA VAL A 136 29.78 30.85 -45.39
C VAL A 136 31.13 31.20 -46.04
N ALA A 137 31.60 30.48 -47.08
CA ALA A 137 32.89 30.78 -47.72
C ALA A 137 32.74 31.84 -48.83
N ARG A 138 32.38 33.06 -48.39
CA ARG A 138 31.97 34.14 -49.27
C ARG A 138 32.36 35.50 -48.63
N THR A 147 25.47 39.42 -47.62
CA THR A 147 25.70 39.50 -46.15
C THR A 147 24.78 38.53 -45.41
N ARG A 148 24.74 37.28 -45.92
CA ARG A 148 23.98 36.23 -45.24
C ARG A 148 24.70 35.90 -43.91
N GLN A 149 24.19 36.52 -42.83
CA GLN A 149 24.52 36.16 -41.46
C GLN A 149 23.63 34.99 -41.01
N LEU A 150 22.55 34.70 -41.76
CA LEU A 150 21.64 33.66 -41.38
C LEU A 150 22.34 32.33 -41.58
N HIS A 151 23.21 32.14 -42.60
CA HIS A 151 23.90 30.88 -42.78
C HIS A 151 24.64 30.49 -41.50
N GLN A 152 25.37 31.47 -40.93
CA GLN A 152 26.09 31.24 -39.69
C GLN A 152 25.16 30.67 -38.62
N LEU A 153 23.94 31.21 -38.55
CA LEU A 153 22.96 30.75 -37.57
C LEU A 153 22.58 29.31 -37.90
N GLY A 154 22.26 29.10 -39.20
CA GLY A 154 21.97 27.78 -39.73
C GLY A 154 23.04 26.76 -39.33
N LEU A 155 24.31 27.20 -39.44
CA LEU A 155 25.47 26.36 -39.20
C LEU A 155 25.51 25.92 -37.75
N GLU A 156 25.43 26.86 -36.81
CA GLU A 156 25.56 26.53 -35.41
C GLU A 156 24.46 25.54 -35.01
N SER A 157 23.25 25.69 -35.59
CA SER A 157 22.16 24.78 -35.29
C SER A 157 22.52 23.37 -35.70
N SER A 158 22.99 23.23 -36.95
CA SER A 158 23.40 21.94 -37.49
C SER A 158 24.45 21.33 -36.57
N GLU A 159 25.44 22.14 -36.20
CA GLU A 159 26.51 21.72 -35.31
C GLU A 159 25.92 21.11 -34.06
N ARG A 160 24.99 21.81 -33.42
CA ARG A 160 24.40 21.32 -32.19
C ARG A 160 23.68 19.99 -32.45
N GLU A 161 22.94 19.91 -33.56
CA GLU A 161 22.13 18.73 -33.83
C GLU A 161 23.02 17.51 -34.11
N VAL A 162 24.05 17.69 -34.94
CA VAL A 162 25.01 16.62 -35.17
C VAL A 162 25.58 16.13 -33.83
N LYS A 163 26.12 17.06 -33.02
CA LYS A 163 26.69 16.70 -31.73
C LYS A 163 25.69 15.87 -30.95
N TRP A 164 24.42 16.23 -31.04
CA TRP A 164 23.39 15.54 -30.29
C TRP A 164 23.20 14.13 -30.84
N LEU A 165 23.17 14.01 -32.17
CA LEU A 165 22.89 12.74 -32.82
C LEU A 165 24.00 11.76 -32.48
N ASN A 166 25.24 12.26 -32.47
CA ASN A 166 26.41 11.46 -32.14
C ASN A 166 26.26 10.92 -30.72
N GLU A 167 25.82 11.77 -29.79
CA GLU A 167 25.59 11.34 -28.42
C GLU A 167 24.52 10.26 -28.40
N LEU A 168 23.52 10.42 -29.26
CA LEU A 168 22.41 9.50 -29.28
C LEU A 168 22.85 8.20 -29.97
N ILE A 169 23.72 8.33 -30.97
CA ILE A 169 24.26 7.14 -31.63
C ILE A 169 25.17 6.36 -30.68
N ALA A 170 26.04 7.09 -29.99
CA ALA A 170 26.99 6.56 -29.02
C ALA A 170 26.23 5.72 -28.00
N ALA A 171 25.10 6.25 -27.52
CA ALA A 171 24.32 5.62 -26.46
C ALA A 171 23.76 4.30 -26.96
N GLU A 172 23.30 4.26 -28.22
CA GLU A 172 22.66 3.06 -28.73
C GLU A 172 23.67 1.91 -28.85
N ARG A 173 24.92 2.23 -29.15
CA ARG A 173 25.96 1.22 -29.29
C ARG A 173 26.19 0.55 -27.94
N ALA A 174 26.37 1.39 -26.90
CA ALA A 174 26.48 0.92 -25.52
C ALA A 174 25.07 0.46 -25.07
N MET B 3 2.00 -24.80 1.73
CA MET B 3 2.97 -25.79 2.28
C MET B 3 3.91 -25.10 3.27
N LEU B 4 4.23 -23.82 3.05
CA LEU B 4 4.74 -22.97 4.14
C LEU B 4 3.65 -22.82 5.20
N GLU B 5 2.41 -22.55 4.73
CA GLU B 5 1.20 -22.42 5.53
C GLU B 5 1.17 -23.48 6.62
N LEU B 6 1.23 -24.76 6.24
CA LEU B 6 1.19 -25.88 7.17
C LEU B 6 2.15 -25.68 8.34
N ALA B 7 3.39 -25.29 8.06
CA ALA B 7 4.36 -25.05 9.12
C ALA B 7 3.86 -23.97 10.07
N ILE B 8 3.30 -22.88 9.52
CA ILE B 8 2.85 -21.78 10.36
C ILE B 8 1.57 -22.20 11.10
N LEU B 9 0.58 -22.64 10.33
CA LEU B 9 -0.67 -23.17 10.85
C LEU B 9 -0.39 -24.34 11.78
N GLY B 10 0.56 -25.20 11.41
CA GLY B 10 0.89 -26.34 12.24
C GLY B 10 1.89 -26.00 13.34
N LEU B 11 2.09 -24.73 13.66
CA LEU B 11 2.71 -24.24 14.87
C LEU B 11 1.58 -23.83 15.81
N LEU B 12 0.65 -24.76 16.03
CA LEU B 12 -0.36 -24.70 17.07
C LEU B 12 0.14 -25.56 18.23
N ILE B 13 1.32 -25.15 18.71
CA ILE B 13 1.92 -25.74 19.90
C ILE B 13 1.81 -24.76 21.07
N GLU B 14 2.06 -23.45 20.80
CA GLU B 14 2.17 -22.44 21.84
C GLU B 14 0.87 -22.36 22.65
N SER B 15 -0.28 -22.14 21.96
CA SER B 15 -1.60 -22.46 22.49
C SER B 15 -2.63 -22.34 21.37
N PRO B 16 -3.79 -23.06 21.42
CA PRO B 16 -4.82 -22.95 20.38
C PRO B 16 -5.44 -21.56 20.39
N MET B 17 -6.04 -21.16 19.26
CA MET B 17 -6.73 -19.87 19.18
C MET B 17 -7.94 -19.95 18.25
N HIS B 18 -8.72 -18.88 18.18
CA HIS B 18 -9.78 -18.72 17.18
C HIS B 18 -9.17 -18.55 15.79
N GLY B 19 -10.02 -18.50 14.76
CA GLY B 19 -9.56 -18.24 13.41
C GLY B 19 -8.94 -16.85 13.35
N TYR B 20 -9.80 -15.84 13.61
CA TYR B 20 -9.37 -14.44 13.73
C TYR B 20 -8.09 -14.35 14.57
N GLU B 21 -8.01 -15.21 15.59
CA GLU B 21 -6.85 -15.29 16.46
C GLU B 21 -5.69 -15.80 15.59
N LEU B 22 -5.81 -17.04 15.13
CA LEU B 22 -4.73 -17.68 14.36
C LEU B 22 -4.78 -17.17 12.92
N ARG B 23 -4.89 -15.85 12.70
CA ARG B 23 -5.01 -15.26 11.38
C ARG B 23 -4.22 -13.95 11.42
N LYS B 24 -4.58 -13.03 12.34
CA LYS B 24 -3.72 -11.89 12.62
C LYS B 24 -2.37 -12.44 13.04
N ARG B 25 -2.44 -13.59 13.74
CA ARG B 25 -1.28 -14.36 14.12
C ARG B 25 -0.57 -14.85 12.85
N LEU B 26 -1.34 -15.42 11.91
CA LEU B 26 -0.75 -15.91 10.69
C LEU B 26 -0.13 -14.75 9.92
N THR B 27 -0.40 -13.52 10.36
CA THR B 27 0.18 -12.35 9.72
C THR B 27 1.56 -12.11 10.33
N GLY B 28 1.85 -12.75 11.47
CA GLY B 28 3.04 -12.49 12.27
C GLY B 28 4.34 -12.56 11.47
N LEU B 29 4.44 -13.59 10.61
CA LEU B 29 5.55 -13.70 9.69
C LEU B 29 5.16 -12.97 8.40
N LEU B 30 5.33 -11.65 8.39
CA LEU B 30 5.11 -10.83 7.20
C LEU B 30 6.11 -11.18 6.11
N ALA B 35 -3.62 -7.56 7.37
CA ALA B 35 -4.73 -8.51 7.15
C ALA B 35 -4.28 -9.59 6.16
N PHE B 36 -4.78 -10.81 6.37
CA PHE B 36 -4.49 -12.02 5.62
C PHE B 36 -5.80 -12.61 5.10
N SER B 37 -5.81 -13.14 3.87
CA SER B 37 -7.03 -13.57 3.19
C SER B 37 -7.77 -14.65 3.96
N TYR B 38 -9.10 -14.49 4.10
CA TYR B 38 -9.93 -15.53 4.70
C TYR B 38 -9.95 -16.74 3.77
N GLY B 39 -10.12 -16.48 2.47
CA GLY B 39 -10.15 -17.50 1.44
C GLY B 39 -8.75 -18.01 1.10
N SER B 40 -7.75 -17.61 1.88
CA SER B 40 -6.47 -18.32 1.94
C SER B 40 -6.43 -19.22 3.16
N LEU B 41 -6.95 -18.74 4.28
CA LEU B 41 -6.88 -19.44 5.57
C LEU B 41 -7.88 -20.60 5.61
N TYR B 42 -9.17 -20.33 5.34
CA TYR B 42 -10.22 -21.31 5.60
C TYR B 42 -10.08 -22.56 4.72
N PRO B 43 -9.71 -22.48 3.42
CA PRO B 43 -9.46 -23.69 2.62
C PRO B 43 -8.31 -24.55 3.15
N ALA B 44 -7.29 -23.90 3.72
CA ALA B 44 -6.20 -24.60 4.38
C ALA B 44 -6.70 -25.40 5.57
N LEU B 45 -7.64 -24.83 6.34
CA LEU B 45 -8.21 -25.48 7.51
C LEU B 45 -9.09 -26.66 7.11
N ARG B 46 -9.83 -26.50 6.00
CA ARG B 46 -10.67 -27.55 5.44
C ARG B 46 -9.80 -28.73 5.03
N ARG B 47 -8.69 -28.43 4.34
CA ARG B 47 -7.66 -29.42 3.99
C ARG B 47 -7.05 -29.98 5.27
N MET B 48 -6.94 -29.11 6.30
CA MET B 48 -6.26 -29.43 7.54
C MET B 48 -6.93 -30.61 8.25
N GLN B 49 -8.27 -30.66 8.11
CA GLN B 49 -9.11 -31.69 8.69
C GLN B 49 -8.77 -33.05 8.11
N ALA B 50 -8.57 -33.11 6.78
CA ALA B 50 -8.15 -34.33 6.07
C ALA B 50 -7.14 -35.25 6.80
N ASP B 51 -7.71 -36.12 7.65
CA ASP B 51 -6.99 -37.03 8.52
C ASP B 51 -5.90 -36.23 9.24
N GLY B 52 -6.35 -35.10 9.82
CA GLY B 52 -5.51 -34.24 10.64
C GLY B 52 -6.29 -33.17 11.38
N LEU B 53 -5.57 -32.15 11.87
CA LEU B 53 -6.14 -31.01 12.60
C LEU B 53 -6.92 -31.39 13.88
N ARG B 69 -14.91 -18.99 12.40
CA ARG B 69 -15.79 -18.86 13.61
C ARG B 69 -15.73 -20.13 14.47
N ARG B 70 -14.52 -20.48 14.92
CA ARG B 70 -14.28 -21.57 15.86
C ARG B 70 -12.92 -21.39 16.54
N VAL B 71 -12.65 -22.22 17.55
CA VAL B 71 -11.32 -22.33 18.14
C VAL B 71 -10.60 -23.55 17.53
N TYR B 72 -9.30 -23.37 17.27
CA TYR B 72 -8.45 -24.38 16.67
C TYR B 72 -7.33 -24.78 17.64
N GLN B 73 -7.16 -26.09 17.80
CA GLN B 73 -6.08 -26.70 18.56
C GLN B 73 -5.41 -27.75 17.66
N LEU B 74 -4.23 -28.19 18.10
CA LEU B 74 -3.44 -29.22 17.45
C LEU B 74 -3.93 -30.62 17.87
N THR B 75 -3.45 -31.63 17.15
CA THR B 75 -3.87 -33.01 17.36
C THR B 75 -2.78 -33.73 18.16
N ASP B 76 -2.83 -35.07 18.08
CA ASP B 76 -1.81 -36.04 18.47
C ASP B 76 -0.99 -36.44 17.24
N LYS B 77 -1.58 -36.39 16.03
CA LYS B 77 -0.85 -36.55 14.79
C LYS B 77 -0.27 -35.19 14.37
N GLY B 78 -1.09 -34.16 14.56
CA GLY B 78 -0.75 -32.79 14.26
C GLY B 78 0.46 -32.30 15.06
N ARG B 79 0.48 -32.52 16.39
CA ARG B 79 1.55 -32.13 17.27
C ARG B 79 2.90 -32.70 16.79
N ARG B 80 2.88 -33.98 16.37
CA ARG B 80 4.04 -34.65 15.81
C ARG B 80 4.40 -34.05 14.46
N ARG B 81 3.40 -33.73 13.61
CA ARG B 81 3.56 -33.21 12.27
C ARG B 81 4.42 -31.96 12.27
N PHE B 82 4.27 -31.09 13.28
CA PHE B 82 5.19 -29.97 13.44
C PHE B 82 6.64 -30.48 13.53
N GLY B 83 6.82 -31.52 14.36
CA GLY B 83 8.08 -32.19 14.56
C GLY B 83 8.73 -32.62 13.25
N GLU B 84 7.92 -33.08 12.31
CA GLU B 84 8.43 -33.50 11.01
C GLU B 84 8.93 -32.25 10.29
N LEU B 85 8.01 -31.29 10.12
CA LEU B 85 8.25 -30.12 9.31
C LEU B 85 9.43 -29.28 9.81
N VAL B 86 9.54 -29.09 11.13
CA VAL B 86 10.63 -28.31 11.67
C VAL B 86 11.96 -28.97 11.33
N ALA B 87 11.98 -30.31 11.24
CA ALA B 87 13.19 -31.04 10.90
C ALA B 87 13.57 -30.83 9.44
N ASP B 88 12.56 -30.64 8.56
CA ASP B 88 12.75 -30.59 7.13
C ASP B 88 13.69 -29.45 6.75
N THR B 89 14.51 -29.68 5.70
CA THR B 89 15.47 -28.69 5.22
C THR B 89 15.42 -28.56 3.70
N GLY B 90 14.31 -29.01 3.09
CA GLY B 90 14.16 -29.03 1.64
C GLY B 90 14.07 -27.64 1.02
N PRO B 91 14.21 -27.52 -0.32
CA PRO B 91 14.11 -26.23 -1.01
C PRO B 91 12.91 -25.36 -0.64
N HIS B 92 11.81 -25.98 -0.18
CA HIS B 92 10.65 -25.28 0.35
C HIS B 92 11.03 -24.26 1.42
N ASN B 93 12.12 -24.51 2.14
CA ASN B 93 12.55 -23.69 3.26
C ASN B 93 13.40 -22.50 2.84
N TYR B 94 13.82 -22.41 1.56
CA TYR B 94 14.80 -21.39 1.21
C TYR B 94 14.17 -20.16 0.58
N THR B 95 12.89 -20.25 0.20
CA THR B 95 12.16 -19.13 -0.38
C THR B 95 11.90 -18.10 0.72
N ASP B 96 11.59 -16.86 0.30
CA ASP B 96 11.40 -15.71 1.16
C ASP B 96 10.42 -16.02 2.29
N ASP B 97 9.24 -16.50 1.91
CA ASP B 97 8.20 -16.88 2.85
C ASP B 97 8.60 -18.14 3.61
N GLY B 98 9.12 -19.13 2.88
CA GLY B 98 9.54 -20.40 3.46
C GLY B 98 10.53 -20.16 4.59
N PHE B 99 11.51 -19.29 4.34
CA PHE B 99 12.61 -19.07 5.24
C PHE B 99 12.11 -18.39 6.51
N GLY B 100 11.42 -17.26 6.32
CA GLY B 100 10.90 -16.43 7.41
C GLY B 100 9.98 -17.19 8.35
N VAL B 101 9.13 -18.06 7.78
CA VAL B 101 8.27 -18.94 8.57
C VAL B 101 9.13 -19.90 9.39
N HIS B 102 10.08 -20.59 8.75
CA HIS B 102 10.88 -21.58 9.45
C HIS B 102 11.72 -20.89 10.52
N LEU B 103 12.30 -19.74 10.18
CA LEU B 103 13.19 -19.01 11.05
C LEU B 103 12.48 -18.67 12.35
N ALA B 104 11.16 -18.46 12.29
CA ALA B 104 10.33 -18.22 13.47
C ALA B 104 10.50 -19.36 14.47
N PHE B 105 10.42 -20.60 13.95
CA PHE B 105 10.45 -21.79 14.79
C PHE B 105 11.85 -22.39 14.89
N PHE B 106 12.88 -21.58 14.73
CA PHE B 106 14.24 -22.04 14.97
C PHE B 106 14.38 -22.54 16.41
N ASN B 107 13.57 -21.98 17.34
CA ASN B 107 13.50 -22.42 18.73
C ASN B 107 13.39 -23.94 18.81
N ARG B 108 12.59 -24.52 17.90
CA ARG B 108 12.27 -25.94 17.89
C ARG B 108 12.87 -26.65 16.67
N THR B 109 13.94 -26.08 16.08
CA THR B 109 14.62 -26.67 14.94
C THR B 109 16.00 -27.18 15.36
N PRO B 110 16.32 -28.49 15.16
CA PRO B 110 17.63 -29.01 15.56
C PRO B 110 18.79 -28.32 14.85
N ALA B 111 19.91 -28.19 15.58
CA ALA B 111 21.09 -27.45 15.16
C ALA B 111 21.51 -27.83 13.75
N GLU B 112 21.43 -29.14 13.41
CA GLU B 112 21.78 -29.64 12.08
C GLU B 112 20.88 -28.96 11.04
N ALA B 113 19.56 -29.06 11.24
CA ALA B 113 18.59 -28.56 10.29
C ALA B 113 18.75 -27.06 10.13
N ARG B 114 18.86 -26.35 11.25
CA ARG B 114 19.07 -24.92 11.24
C ARG B 114 20.21 -24.58 10.30
N MET B 115 21.32 -25.28 10.45
CA MET B 115 22.53 -24.97 9.70
C MET B 115 22.29 -25.20 8.21
N ARG B 116 21.61 -26.29 7.87
CA ARG B 116 21.34 -26.61 6.48
C ARG B 116 20.45 -25.52 5.88
N ILE B 117 19.38 -25.15 6.60
CA ILE B 117 18.43 -24.16 6.14
C ILE B 117 19.13 -22.82 5.87
N LEU B 118 19.92 -22.34 6.83
CA LEU B 118 20.70 -21.12 6.67
C LEU B 118 21.55 -21.18 5.40
N GLU B 119 22.16 -22.35 5.12
CA GLU B 119 23.04 -22.46 3.97
C GLU B 119 22.22 -22.45 2.69
N GLY B 120 21.13 -23.21 2.68
CA GLY B 120 20.22 -23.24 1.54
C GLY B 120 19.64 -21.85 1.22
N ARG B 121 19.39 -21.06 2.26
CA ARG B 121 18.94 -19.70 2.09
C ARG B 121 20.09 -18.87 1.49
N ARG B 122 21.29 -19.03 2.04
CA ARG B 122 22.45 -18.28 1.58
C ARG B 122 22.71 -18.56 0.10
N ARG B 123 22.52 -19.82 -0.32
CA ARG B 123 22.66 -20.20 -1.72
C ARG B 123 21.63 -19.45 -2.54
N GLN B 124 20.40 -19.36 -2.04
CA GLN B 124 19.35 -18.71 -2.80
C GLN B 124 19.61 -17.20 -2.96
N VAL B 125 20.04 -16.55 -1.88
CA VAL B 125 20.23 -15.10 -1.95
C VAL B 125 21.47 -14.81 -2.76
N GLU B 126 22.51 -15.66 -2.64
CA GLU B 126 23.73 -15.51 -3.42
C GLU B 126 23.40 -15.50 -4.90
N GLU B 127 22.57 -16.47 -5.33
CA GLU B 127 22.24 -16.63 -6.73
C GLU B 127 21.42 -15.41 -7.19
N ARG B 128 20.53 -14.94 -6.32
CA ARG B 128 19.71 -13.76 -6.58
C ARG B 128 20.62 -12.56 -6.85
N ARG B 129 21.58 -12.35 -5.94
CA ARG B 129 22.56 -11.29 -6.02
C ARG B 129 23.31 -11.33 -7.35
N GLU B 130 23.65 -12.55 -7.80
CA GLU B 130 24.48 -12.70 -8.98
C GLU B 130 23.67 -12.26 -10.19
N GLY B 131 22.44 -12.78 -10.29
CA GLY B 131 21.50 -12.43 -11.36
C GLY B 131 21.31 -10.91 -11.44
N LEU B 132 21.29 -10.26 -10.27
CA LEU B 132 21.02 -8.83 -10.19
C LEU B 132 22.27 -8.01 -10.58
N ARG B 133 23.46 -8.44 -10.14
CA ARG B 133 24.72 -7.87 -10.62
C ARG B 133 24.77 -7.99 -12.14
N GLU B 134 24.48 -9.19 -12.64
CA GLU B 134 24.49 -9.47 -14.07
C GLU B 134 23.46 -8.57 -14.77
N ALA B 135 22.31 -8.37 -14.13
CA ALA B 135 21.23 -7.58 -14.72
C ALA B 135 21.65 -6.12 -14.90
N VAL B 136 22.33 -5.56 -13.88
CA VAL B 136 22.82 -4.20 -13.89
C VAL B 136 23.84 -4.03 -15.03
N ALA B 137 24.71 -5.04 -15.14
CA ALA B 137 25.82 -5.00 -16.10
C ALA B 137 25.27 -4.80 -17.50
N ARG B 138 24.22 -5.55 -17.85
CA ARG B 138 23.63 -5.53 -19.18
C ARG B 138 22.85 -4.22 -19.41
N ALA B 139 22.58 -3.46 -18.34
CA ALA B 139 21.85 -2.20 -18.43
C ALA B 139 22.70 -1.04 -18.97
N SER B 140 22.29 -0.50 -20.13
CA SER B 140 22.89 0.70 -20.70
C SER B 140 21.88 1.43 -21.61
N PHE B 143 17.99 4.64 -22.75
CA PHE B 143 16.90 4.39 -21.78
C PHE B 143 17.20 3.11 -21.01
N ASP B 144 16.17 2.32 -20.64
CA ASP B 144 16.31 1.11 -19.84
C ASP B 144 17.21 1.38 -18.64
N ARG B 145 16.85 2.39 -17.84
CA ARG B 145 17.61 2.88 -16.71
C ARG B 145 16.72 3.09 -15.49
N TYR B 146 15.40 2.89 -15.64
CA TYR B 146 14.51 2.73 -14.49
C TYR B 146 14.63 1.30 -13.94
N THR B 147 14.52 0.32 -14.83
CA THR B 147 14.77 -1.09 -14.50
C THR B 147 16.13 -1.25 -13.84
N ARG B 148 17.13 -0.54 -14.32
CA ARG B 148 18.47 -0.62 -13.77
C ARG B 148 18.49 -0.25 -12.29
N GLN B 149 17.82 0.86 -11.94
CA GLN B 149 17.82 1.37 -10.57
C GLN B 149 17.11 0.39 -9.63
N LEU B 150 16.03 -0.21 -10.13
CA LEU B 150 15.27 -1.19 -9.36
C LEU B 150 16.19 -2.37 -9.06
N HIS B 151 16.85 -2.90 -10.10
CA HIS B 151 17.80 -3.99 -9.91
C HIS B 151 18.87 -3.57 -8.91
N GLN B 152 19.40 -2.36 -9.09
CA GLN B 152 20.40 -1.81 -8.19
C GLN B 152 19.90 -1.89 -6.74
N LEU B 153 18.61 -1.56 -6.53
CA LEU B 153 18.02 -1.60 -5.20
C LEU B 153 18.00 -3.05 -4.72
N GLY B 154 17.51 -3.93 -5.61
CA GLY B 154 17.47 -5.36 -5.37
C GLY B 154 18.83 -5.88 -4.92
N LEU B 155 19.89 -5.37 -5.60
CA LEU B 155 21.26 -5.81 -5.38
C LEU B 155 21.71 -5.45 -3.97
N GLU B 156 21.55 -4.18 -3.57
CA GLU B 156 22.02 -3.74 -2.27
C GLU B 156 21.35 -4.57 -1.17
N SER B 157 20.07 -4.91 -1.37
CA SER B 157 19.33 -5.68 -0.38
C SER B 157 19.98 -7.05 -0.22
N SER B 158 20.19 -7.72 -1.36
CA SER B 158 20.83 -9.03 -1.38
C SER B 158 22.16 -8.97 -0.63
N GLU B 159 22.96 -7.96 -0.97
CA GLU B 159 24.25 -7.77 -0.34
C GLU B 159 24.09 -7.77 1.17
N ARG B 160 23.15 -6.97 1.67
CA ARG B 160 22.96 -6.86 3.11
C ARG B 160 22.57 -8.24 3.67
N GLU B 161 21.67 -8.93 2.98
CA GLU B 161 21.12 -10.16 3.51
C GLU B 161 22.17 -11.25 3.52
N VAL B 162 22.96 -11.38 2.45
CA VAL B 162 24.08 -12.31 2.45
C VAL B 162 24.98 -12.04 3.66
N LYS B 163 25.45 -10.78 3.79
CA LYS B 163 26.33 -10.41 4.88
C LYS B 163 25.72 -10.88 6.21
N TRP B 164 24.40 -10.74 6.33
CA TRP B 164 23.71 -11.10 7.55
C TRP B 164 23.74 -12.62 7.74
N LEU B 165 23.49 -13.36 6.65
CA LEU B 165 23.39 -14.80 6.72
C LEU B 165 24.73 -15.39 7.15
N ASN B 166 25.80 -14.82 6.62
CA ASN B 166 27.16 -15.23 6.94
C ASN B 166 27.40 -15.06 8.43
N GLU B 167 26.99 -13.89 8.96
CA GLU B 167 27.15 -13.64 10.38
C GLU B 167 26.32 -14.64 11.16
N LEU B 168 25.16 -15.01 10.64
CA LEU B 168 24.28 -15.91 11.34
C LEU B 168 24.83 -17.34 11.24
N ILE B 169 25.46 -17.66 10.10
CA ILE B 169 26.07 -18.97 9.97
C ILE B 169 27.28 -19.10 10.89
N ALA B 170 28.10 -18.04 10.89
CA ALA B 170 29.31 -17.97 11.70
C ALA B 170 28.95 -18.25 13.16
N ALA B 171 27.89 -17.59 13.61
CA ALA B 171 27.50 -17.61 15.01
C ALA B 171 27.01 -19.00 15.37
N GLU B 172 26.25 -19.63 14.46
CA GLU B 172 25.77 -20.99 14.72
C GLU B 172 26.96 -21.96 14.75
N ARG B 173 28.00 -21.64 13.95
CA ARG B 173 29.09 -22.55 13.65
C ARG B 173 29.83 -22.87 14.95
N ALA B 174 30.18 -21.82 15.73
CA ALA B 174 30.68 -22.05 17.09
C ALA B 174 30.65 -20.78 17.94
N PHE C 2 -11.78 -3.35 17.23
CA PHE C 2 -12.14 -2.49 16.08
C PHE C 2 -12.61 -1.14 16.56
N MET C 3 -13.13 -0.35 15.60
CA MET C 3 -13.59 1.02 15.75
C MET C 3 -14.54 1.17 16.94
N LEU C 4 -15.44 0.18 17.08
CA LEU C 4 -16.47 0.24 18.10
C LEU C 4 -15.86 0.28 19.49
N GLU C 5 -14.94 -0.66 19.76
CA GLU C 5 -14.23 -0.75 21.03
C GLU C 5 -13.67 0.61 21.41
N LEU C 6 -12.80 1.09 20.52
CA LEU C 6 -12.06 2.33 20.73
C LEU C 6 -13.04 3.47 21.00
N ALA C 7 -14.13 3.53 20.25
CA ALA C 7 -15.16 4.55 20.47
C ALA C 7 -15.66 4.48 21.89
N ILE C 8 -15.97 3.27 22.36
CA ILE C 8 -16.59 3.10 23.66
C ILE C 8 -15.57 3.43 24.75
N LEU C 9 -14.40 2.77 24.70
CA LEU C 9 -13.34 3.02 25.67
C LEU C 9 -12.97 4.51 25.73
N GLY C 10 -12.85 5.12 24.55
CA GLY C 10 -12.45 6.51 24.47
C GLY C 10 -13.50 7.46 25.05
N LEU C 11 -14.78 7.04 24.98
CA LEU C 11 -15.86 7.86 25.51
C LEU C 11 -15.89 7.72 27.02
N LEU C 12 -15.76 6.47 27.50
CA LEU C 12 -15.88 6.16 28.91
C LEU C 12 -14.75 6.80 29.70
N ILE C 13 -13.55 6.89 29.10
CA ILE C 13 -12.40 7.49 29.73
C ILE C 13 -12.70 8.94 30.17
N GLU C 14 -13.50 9.65 29.36
CA GLU C 14 -13.93 11.02 29.63
C GLU C 14 -14.64 11.10 30.98
N SER C 15 -15.71 10.31 31.15
CA SER C 15 -16.45 10.14 32.40
C SER C 15 -17.40 8.95 32.29
N PRO C 16 -17.88 8.36 33.41
CA PRO C 16 -18.84 7.25 33.37
C PRO C 16 -20.15 7.70 32.72
N MET C 17 -20.84 6.77 32.02
CA MET C 17 -22.05 7.16 31.30
C MET C 17 -23.13 6.07 31.41
N HIS C 18 -24.39 6.54 31.29
CA HIS C 18 -25.60 5.74 31.17
C HIS C 18 -25.68 5.14 29.77
N GLY C 19 -26.37 4.00 29.62
CA GLY C 19 -26.64 3.40 28.31
C GLY C 19 -27.10 4.45 27.28
N TYR C 20 -28.11 5.24 27.69
CA TYR C 20 -28.69 6.29 26.86
C TYR C 20 -27.61 7.24 26.34
N GLU C 21 -26.73 7.69 27.24
CA GLU C 21 -25.67 8.64 26.89
C GLU C 21 -24.72 8.03 25.86
N LEU C 22 -24.26 6.79 26.10
CA LEU C 22 -23.31 6.12 25.25
C LEU C 22 -23.83 6.02 23.80
N ARG C 23 -25.07 5.52 23.62
CA ARG C 23 -25.64 5.42 22.30
C ARG C 23 -25.73 6.80 21.65
N LYS C 24 -26.14 7.81 22.44
CA LYS C 24 -26.23 9.17 21.95
C LYS C 24 -24.85 9.63 21.49
N ARG C 25 -23.84 9.50 22.36
CA ARG C 25 -22.51 9.99 22.08
C ARG C 25 -21.92 9.20 20.92
N LEU C 26 -22.05 7.88 20.94
CA LEU C 26 -21.63 7.03 19.82
C LEU C 26 -22.16 7.54 18.48
N THR C 27 -23.45 7.88 18.44
CA THR C 27 -24.06 8.36 17.22
C THR C 27 -23.41 9.69 16.84
N GLY C 28 -23.12 10.52 17.84
CA GLY C 28 -22.54 11.83 17.64
C GLY C 28 -21.14 11.74 17.03
N LEU C 29 -20.40 10.71 17.44
CA LEU C 29 -19.02 10.47 17.04
C LEU C 29 -18.95 10.02 15.58
N LEU C 30 -20.04 9.39 15.08
CA LEU C 30 -20.08 8.87 13.73
C LEU C 30 -20.92 9.78 12.82
N GLY C 31 -21.40 10.92 13.35
CA GLY C 31 -22.19 11.86 12.56
C GLY C 31 -23.41 11.21 11.90
N ALA C 32 -24.11 10.32 12.62
CA ALA C 32 -25.25 9.53 12.16
C ALA C 32 -26.52 10.32 12.47
N PHE C 33 -27.65 9.98 11.83
CA PHE C 33 -28.86 10.70 12.15
C PHE C 33 -29.71 9.82 13.05
N ARG C 34 -30.02 8.60 12.58
CA ARG C 34 -30.65 7.57 13.39
C ARG C 34 -29.66 7.15 14.48
N ALA C 35 -30.17 6.88 15.68
CA ALA C 35 -29.33 6.47 16.80
C ALA C 35 -28.65 5.14 16.48
N PHE C 36 -27.44 4.97 17.03
CA PHE C 36 -26.66 3.75 16.92
C PHE C 36 -27.49 2.58 17.45
N SER C 37 -27.52 1.46 16.70
CA SER C 37 -28.42 0.36 17.02
C SER C 37 -28.03 -0.30 18.34
N TYR C 38 -29.06 -0.62 19.14
CA TYR C 38 -28.88 -1.23 20.44
C TYR C 38 -28.20 -2.59 20.32
N GLY C 39 -28.68 -3.41 19.37
CA GLY C 39 -28.15 -4.76 19.20
C GLY C 39 -26.80 -4.79 18.48
N SER C 40 -26.23 -3.60 18.25
CA SER C 40 -24.82 -3.49 17.93
C SER C 40 -24.03 -3.09 19.18
N LEU C 41 -24.62 -2.20 19.99
CA LEU C 41 -23.94 -1.64 21.16
C LEU C 41 -23.91 -2.64 22.31
N TYR C 42 -25.06 -3.19 22.70
CA TYR C 42 -25.18 -3.97 23.92
C TYR C 42 -24.34 -5.25 23.89
N PRO C 43 -24.26 -6.01 22.77
CA PRO C 43 -23.36 -7.16 22.72
C PRO C 43 -21.88 -6.82 22.91
N ALA C 44 -21.48 -5.65 22.41
CA ALA C 44 -20.13 -5.13 22.62
C ALA C 44 -19.86 -4.88 24.10
N LEU C 45 -20.87 -4.34 24.82
CA LEU C 45 -20.75 -4.06 26.24
C LEU C 45 -20.70 -5.35 27.06
N ARG C 46 -21.46 -6.38 26.63
CA ARG C 46 -21.45 -7.69 27.26
C ARG C 46 -20.06 -8.29 27.12
N ARG C 47 -19.49 -8.21 25.90
CA ARG C 47 -18.12 -8.63 25.62
C ARG C 47 -17.12 -7.81 26.44
N MET C 48 -17.26 -6.48 26.39
CA MET C 48 -16.28 -5.61 27.01
C MET C 48 -16.32 -5.74 28.53
N GLN C 49 -17.49 -6.09 29.07
CA GLN C 49 -17.65 -6.42 30.49
C GLN C 49 -16.87 -7.70 30.80
N ALA C 50 -16.99 -8.71 29.92
CA ALA C 50 -16.46 -10.05 30.12
C ALA C 50 -14.94 -10.00 30.17
N ASP C 51 -14.34 -9.24 29.25
CA ASP C 51 -12.90 -9.09 29.20
C ASP C 51 -12.37 -8.19 30.31
N GLY C 52 -13.27 -7.55 31.08
CA GLY C 52 -12.88 -6.76 32.24
C GLY C 52 -12.32 -5.40 31.84
N LEU C 53 -12.96 -4.81 30.84
CA LEU C 53 -12.60 -3.51 30.30
C LEU C 53 -13.56 -2.47 30.85
N ILE C 54 -14.80 -2.89 31.16
CA ILE C 54 -15.82 -2.03 31.73
C ILE C 54 -16.50 -2.77 32.88
N ALA C 55 -17.27 -2.00 33.67
CA ALA C 55 -18.15 -2.49 34.72
C ALA C 55 -19.49 -1.76 34.64
N GLU C 56 -20.58 -2.50 34.93
CA GLU C 56 -21.96 -2.07 34.72
C GLU C 56 -22.67 -2.07 36.07
N ASN C 57 -23.49 -1.04 36.33
CA ASN C 57 -24.14 -0.85 37.63
C ASN C 57 -25.64 -1.04 37.50
N ARG C 69 -30.72 2.00 30.64
CA ARG C 69 -30.81 2.98 31.77
C ARG C 69 -29.82 2.65 32.89
N ARG C 70 -28.82 1.78 32.63
CA ARG C 70 -27.77 1.45 33.58
C ARG C 70 -26.66 2.51 33.51
N VAL C 71 -25.53 2.28 34.21
CA VAL C 71 -24.37 3.16 34.13
C VAL C 71 -23.10 2.31 33.99
N TYR C 72 -22.21 2.78 33.10
CA TYR C 72 -21.01 2.05 32.68
C TYR C 72 -19.76 2.87 32.99
N GLN C 73 -18.76 2.17 33.52
CA GLN C 73 -17.51 2.75 33.98
C GLN C 73 -16.37 1.94 33.38
N LEU C 74 -15.21 2.60 33.24
CA LEU C 74 -14.00 1.99 32.70
C LEU C 74 -13.22 1.35 33.85
N THR C 75 -12.54 0.21 33.56
CA THR C 75 -11.69 -0.44 34.54
C THR C 75 -10.25 0.06 34.38
N ASP C 76 -9.36 -0.43 35.24
CA ASP C 76 -7.93 -0.17 35.08
C ASP C 76 -7.42 -0.87 33.82
N LYS C 77 -7.82 -2.14 33.65
CA LYS C 77 -7.56 -2.91 32.45
C LYS C 77 -8.12 -2.17 31.24
N GLY C 78 -9.29 -1.55 31.42
CA GLY C 78 -9.91 -0.66 30.45
C GLY C 78 -9.01 0.51 30.05
N ARG C 79 -8.50 1.25 31.06
CA ARG C 79 -7.65 2.41 30.82
C ARG C 79 -6.39 2.04 30.05
N ARG C 80 -5.81 0.87 30.38
CA ARG C 80 -4.65 0.32 29.69
C ARG C 80 -5.00 0.01 28.24
N ARG C 81 -6.12 -0.71 28.05
CA ARG C 81 -6.50 -1.22 26.73
C ARG C 81 -6.72 -0.06 25.77
N PHE C 82 -7.32 1.04 26.26
CA PHE C 82 -7.48 2.24 25.47
C PHE C 82 -6.11 2.74 25.05
N GLY C 83 -5.19 2.83 26.03
CA GLY C 83 -3.85 3.33 25.79
C GLY C 83 -3.13 2.55 24.71
N GLU C 84 -3.41 1.24 24.61
CA GLU C 84 -2.94 0.44 23.49
C GLU C 84 -3.58 0.94 22.20
N LEU C 85 -4.92 0.96 22.17
CA LEU C 85 -5.66 1.16 20.93
C LEU C 85 -5.38 2.55 20.35
N VAL C 86 -5.32 3.59 21.18
CA VAL C 86 -5.02 4.91 20.66
C VAL C 86 -3.65 4.93 20.00
N ALA C 87 -2.71 4.12 20.51
CA ALA C 87 -1.38 4.05 19.93
C ALA C 87 -1.41 3.33 18.58
N ASP C 88 -2.33 2.38 18.40
CA ASP C 88 -2.41 1.50 17.24
C ASP C 88 -2.55 2.33 15.96
N THR C 89 -1.94 1.84 14.88
CA THR C 89 -1.98 2.51 13.59
C THR C 89 -2.26 1.50 12.47
N GLY C 90 -2.82 0.33 12.80
CA GLY C 90 -3.06 -0.75 11.86
C GLY C 90 -4.18 -0.43 10.89
N PRO C 91 -4.33 -1.23 9.79
CA PRO C 91 -5.37 -0.99 8.79
C PRO C 91 -6.77 -0.71 9.31
N HIS C 92 -7.09 -1.24 10.51
CA HIS C 92 -8.36 -1.02 11.18
C HIS C 92 -8.67 0.48 11.28
N ASN C 93 -7.61 1.30 11.34
CA ASN C 93 -7.74 2.73 11.58
C ASN C 93 -7.98 3.53 10.30
N TYR C 94 -7.89 2.90 9.11
CA TYR C 94 -7.91 3.67 7.87
C TYR C 94 -9.29 3.65 7.22
N THR C 95 -10.19 2.78 7.67
CA THR C 95 -11.56 2.74 7.16
C THR C 95 -12.31 3.98 7.62
N ASP C 96 -13.43 4.27 6.94
CA ASP C 96 -14.20 5.50 7.11
C ASP C 96 -14.57 5.70 8.58
N ASP C 97 -15.18 4.67 9.19
CA ASP C 97 -15.56 4.69 10.59
C ASP C 97 -14.31 4.62 11.47
N GLY C 98 -13.37 3.74 11.12
CA GLY C 98 -12.12 3.57 11.84
C GLY C 98 -11.42 4.92 12.03
N PHE C 99 -11.33 5.67 10.93
CA PHE C 99 -10.57 6.89 10.88
C PHE C 99 -11.22 7.96 11.77
N GLY C 100 -12.50 8.20 11.51
CA GLY C 100 -13.30 9.20 12.18
C GLY C 100 -13.33 9.01 13.69
N VAL C 101 -13.45 7.74 14.12
CA VAL C 101 -13.37 7.41 15.54
C VAL C 101 -11.99 7.74 16.10
N HIS C 102 -10.92 7.31 15.43
CA HIS C 102 -9.57 7.54 15.96
C HIS C 102 -9.28 9.03 15.97
N LEU C 103 -9.70 9.73 14.90
CA LEU C 103 -9.43 11.14 14.76
C LEU C 103 -10.02 11.92 15.94
N ALA C 104 -11.12 11.42 16.50
CA ALA C 104 -11.76 11.99 17.68
C ALA C 104 -10.76 12.05 18.81
N PHE C 105 -10.05 10.93 19.02
CA PHE C 105 -9.15 10.77 20.14
C PHE C 105 -7.70 11.10 19.76
N PHE C 106 -7.51 11.96 18.75
CA PHE C 106 -6.18 12.46 18.44
C PHE C 106 -5.57 13.18 19.64
N ASN C 107 -6.42 13.75 20.50
CA ASN C 107 -6.02 14.39 21.75
C ASN C 107 -5.08 13.47 22.52
N ARG C 108 -5.39 12.17 22.52
CA ARG C 108 -4.67 11.17 23.30
C ARG C 108 -3.90 10.20 22.38
N THR C 109 -3.56 10.64 21.15
CA THR C 109 -2.79 9.83 20.21
C THR C 109 -1.38 10.40 20.05
N PRO C 110 -0.30 9.62 20.28
CA PRO C 110 1.08 10.12 20.11
C PRO C 110 1.36 10.63 18.69
N ALA C 111 2.19 11.69 18.62
CA ALA C 111 2.50 12.40 17.38
C ALA C 111 2.89 11.43 16.27
N GLU C 112 3.66 10.38 16.62
CA GLU C 112 4.10 9.38 15.67
C GLU C 112 2.87 8.66 15.08
N ALA C 113 2.01 8.15 15.96
CA ALA C 113 0.84 7.38 15.56
C ALA C 113 -0.07 8.25 14.71
N ARG C 114 -0.34 9.47 15.16
CA ARG C 114 -1.14 10.42 14.41
C ARG C 114 -0.67 10.48 12.98
N MET C 115 0.65 10.66 12.80
CA MET C 115 1.23 10.86 11.50
C MET C 115 1.01 9.61 10.63
N ARG C 116 1.22 8.43 11.23
CA ARG C 116 1.09 7.17 10.52
C ARG C 116 -0.36 7.01 10.09
N ILE C 117 -1.31 7.26 11.00
CA ILE C 117 -2.72 7.08 10.73
C ILE C 117 -3.14 7.98 9.56
N LEU C 118 -2.79 9.26 9.61
CA LEU C 118 -3.08 10.20 8.54
C LEU C 118 -2.58 9.66 7.19
N GLU C 119 -1.38 9.06 7.19
CA GLU C 119 -0.79 8.57 5.95
C GLU C 119 -1.54 7.33 5.48
N GLY C 120 -1.81 6.41 6.41
CA GLY C 120 -2.58 5.22 6.12
C GLY C 120 -3.96 5.54 5.57
N ARG C 121 -4.58 6.60 6.08
CA ARG C 121 -5.86 7.07 5.58
C ARG C 121 -5.67 7.61 4.17
N ARG C 122 -4.63 8.42 3.97
CA ARG C 122 -4.38 9.01 2.66
C ARG C 122 -4.17 7.90 1.61
N ARG C 123 -3.46 6.83 2.00
CA ARG C 123 -3.24 5.70 1.12
C ARG C 123 -4.57 5.03 0.83
N GLN C 124 -5.46 4.92 1.80
CA GLN C 124 -6.74 4.26 1.54
C GLN C 124 -7.60 5.08 0.61
N VAL C 125 -7.65 6.40 0.78
CA VAL C 125 -8.47 7.22 -0.09
C VAL C 125 -7.85 7.29 -1.49
N GLU C 126 -6.51 7.31 -1.56
CA GLU C 126 -5.79 7.30 -2.83
C GLU C 126 -6.18 6.06 -3.62
N GLU C 127 -6.22 4.90 -2.96
CA GLU C 127 -6.53 3.63 -3.59
C GLU C 127 -7.99 3.63 -4.04
N ARG C 128 -8.85 4.23 -3.22
CA ARG C 128 -10.27 4.37 -3.55
C ARG C 128 -10.39 5.16 -4.84
N ARG C 129 -9.70 6.30 -4.91
CA ARG C 129 -9.66 7.17 -6.08
C ARG C 129 -9.21 6.40 -7.33
N GLU C 130 -8.24 5.51 -7.17
CA GLU C 130 -7.68 4.77 -8.30
C GLU C 130 -8.74 3.82 -8.84
N GLY C 131 -9.36 3.05 -7.94
CA GLY C 131 -10.46 2.16 -8.27
C GLY C 131 -11.59 2.89 -9.00
N LEU C 132 -11.84 4.15 -8.59
CA LEU C 132 -12.91 4.96 -9.15
C LEU C 132 -12.55 5.50 -10.52
N ARG C 133 -11.30 5.96 -10.71
CA ARG C 133 -10.76 6.32 -12.03
C ARG C 133 -10.89 5.11 -12.95
N GLU C 134 -10.43 3.95 -12.48
CA GLU C 134 -10.48 2.71 -13.23
C GLU C 134 -11.94 2.37 -13.57
N ALA C 135 -12.85 2.60 -12.61
CA ALA C 135 -14.26 2.28 -12.79
C ALA C 135 -14.88 3.11 -13.91
N VAL C 136 -14.57 4.42 -13.92
CA VAL C 136 -15.09 5.36 -14.90
C VAL C 136 -14.53 4.98 -16.27
N ALA C 137 -15.40 4.84 -17.27
CA ALA C 137 -15.01 4.48 -18.62
C ALA C 137 -14.06 3.26 -18.63
N ARG C 138 -14.43 2.21 -17.88
CA ARG C 138 -13.69 0.96 -17.86
C ARG C 138 -14.44 -0.07 -18.74
N ALA C 139 -15.45 -0.72 -18.14
CA ALA C 139 -16.37 -1.56 -18.91
C ALA C 139 -17.58 -0.71 -19.34
N SER C 140 -17.52 0.61 -19.09
CA SER C 140 -18.44 1.58 -19.66
C SER C 140 -17.92 2.10 -21.02
N SER C 141 -16.64 2.51 -21.04
CA SER C 141 -16.00 3.19 -22.16
C SER C 141 -16.85 4.37 -22.65
N SER C 142 -17.45 5.08 -21.68
CA SER C 142 -18.44 6.14 -21.87
C SER C 142 -19.75 5.59 -22.48
N PHE C 143 -20.02 4.29 -22.28
CA PHE C 143 -21.32 3.68 -22.55
C PHE C 143 -22.38 4.22 -21.58
N ASP C 144 -23.63 4.32 -22.07
CA ASP C 144 -24.82 4.78 -21.37
C ASP C 144 -24.79 4.49 -19.87
N ARG C 145 -24.22 5.43 -19.09
CA ARG C 145 -24.00 5.24 -17.67
C ARG C 145 -24.45 6.44 -16.85
N TYR C 146 -25.29 6.15 -15.85
CA TYR C 146 -25.54 6.90 -14.63
C TYR C 146 -24.45 6.54 -13.63
N THR C 147 -24.03 5.27 -13.63
CA THR C 147 -22.87 4.76 -12.93
C THR C 147 -21.66 5.66 -13.10
N ARG C 148 -21.44 6.20 -14.31
CA ARG C 148 -20.26 7.03 -14.54
C ARG C 148 -20.28 8.26 -13.63
N GLN C 149 -21.43 8.92 -13.58
CA GLN C 149 -21.59 10.16 -12.84
C GLN C 149 -21.44 9.91 -11.35
N LEU C 150 -21.95 8.77 -10.88
CA LEU C 150 -21.85 8.40 -9.48
C LEU C 150 -20.38 8.25 -9.12
N HIS C 151 -19.65 7.49 -9.93
CA HIS C 151 -18.22 7.33 -9.71
C HIS C 151 -17.54 8.70 -9.75
N GLN C 152 -17.91 9.52 -10.74
CA GLN C 152 -17.41 10.87 -10.85
C GLN C 152 -17.62 11.63 -9.54
N LEU C 153 -18.78 11.45 -8.91
CA LEU C 153 -19.06 12.10 -7.63
C LEU C 153 -18.11 11.54 -6.57
N GLY C 154 -18.00 10.21 -6.53
CA GLY C 154 -17.05 9.52 -5.67
C GLY C 154 -15.65 10.10 -5.81
N LEU C 155 -15.24 10.38 -7.06
CA LEU C 155 -13.93 10.88 -7.39
C LEU C 155 -13.70 12.26 -6.77
N GLU C 156 -14.62 13.19 -7.02
CA GLU C 156 -14.45 14.55 -6.53
C GLU C 156 -14.31 14.55 -5.01
N SER C 157 -15.08 13.66 -4.34
CA SER C 157 -15.04 13.59 -2.88
C SER C 157 -13.65 13.19 -2.43
N SER C 158 -13.12 12.11 -3.04
CA SER C 158 -11.79 11.62 -2.74
C SER C 158 -10.78 12.76 -2.86
N GLU C 159 -10.88 13.46 -4.00
CA GLU C 159 -10.00 14.57 -4.30
C GLU C 159 -10.01 15.57 -3.15
N ARG C 160 -11.20 15.97 -2.72
CA ARG C 160 -11.31 16.94 -1.66
C ARG C 160 -10.66 16.40 -0.39
N GLU C 161 -10.91 15.12 -0.08
CA GLU C 161 -10.44 14.56 1.17
C GLU C 161 -8.92 14.44 1.17
N VAL C 162 -8.35 13.95 0.08
CA VAL C 162 -6.88 13.91 -0.06
C VAL C 162 -6.31 15.30 0.20
N LYS C 163 -6.82 16.33 -0.53
CA LYS C 163 -6.32 17.68 -0.39
C LYS C 163 -6.34 18.06 1.09
N TRP C 164 -7.40 17.64 1.79
CA TRP C 164 -7.55 17.97 3.20
C TRP C 164 -6.47 17.27 4.03
N LEU C 165 -6.27 15.98 3.72
CA LEU C 165 -5.38 15.13 4.50
C LEU C 165 -3.95 15.69 4.39
N ASN C 166 -3.59 16.13 3.18
CA ASN C 166 -2.29 16.71 2.92
C ASN C 166 -2.09 17.95 3.79
N GLU C 167 -3.10 18.80 3.86
CA GLU C 167 -3.04 19.98 4.68
C GLU C 167 -2.87 19.57 6.15
N LEU C 168 -3.55 18.48 6.52
CA LEU C 168 -3.50 18.03 7.89
C LEU C 168 -2.17 17.34 8.17
N ILE C 169 -1.62 16.65 7.17
CA ILE C 169 -0.30 16.03 7.31
C ILE C 169 0.78 17.11 7.42
N ALA C 170 0.68 18.13 6.55
CA ALA C 170 1.60 19.24 6.50
C ALA C 170 1.68 19.88 7.87
N ALA C 171 0.52 20.07 8.51
CA ALA C 171 0.42 20.75 9.78
C ALA C 171 1.13 19.95 10.86
N GLU C 172 1.01 18.63 10.83
CA GLU C 172 1.59 17.79 11.88
C GLU C 172 3.13 17.86 11.84
N ARG C 173 3.69 17.99 10.63
CA ARG C 173 5.13 18.05 10.47
C ARG C 173 5.66 19.33 11.12
N ALA C 174 5.01 20.46 10.79
CA ALA C 174 5.40 21.79 11.24
C ALA C 174 5.21 21.94 12.74
N ALA C 175 4.20 21.23 13.26
CA ALA C 175 4.06 20.94 14.69
C ALA C 175 5.14 19.91 15.10
N GLU D 1 0.36 -16.65 -12.81
CA GLU D 1 0.52 -15.17 -12.72
C GLU D 1 0.03 -14.51 -14.02
N PHE D 2 -0.46 -13.28 -13.87
CA PHE D 2 -0.75 -12.39 -14.98
C PHE D 2 0.53 -11.61 -15.34
N MET D 3 1.52 -11.60 -14.43
CA MET D 3 2.84 -11.05 -14.72
C MET D 3 3.52 -11.89 -15.79
N LEU D 4 3.23 -13.20 -15.84
CA LEU D 4 3.87 -14.04 -16.84
C LEU D 4 3.41 -13.62 -18.23
N GLU D 5 2.09 -13.54 -18.45
CA GLU D 5 1.53 -13.22 -19.76
C GLU D 5 2.17 -11.94 -20.30
N LEU D 6 2.11 -10.87 -19.50
CA LEU D 6 2.66 -9.58 -19.89
C LEU D 6 4.13 -9.72 -20.26
N ALA D 7 4.89 -10.47 -19.45
CA ALA D 7 6.29 -10.69 -19.75
C ALA D 7 6.44 -11.35 -21.11
N ILE D 8 5.63 -12.40 -21.35
CA ILE D 8 5.77 -13.22 -22.53
C ILE D 8 5.33 -12.40 -23.74
N LEU D 9 4.10 -11.86 -23.67
CA LEU D 9 3.50 -11.07 -24.74
C LEU D 9 4.44 -9.90 -25.07
N GLY D 10 4.97 -9.25 -24.04
CA GLY D 10 5.79 -8.07 -24.23
C GLY D 10 7.13 -8.38 -24.88
N LEU D 11 7.62 -9.62 -24.67
CA LEU D 11 8.86 -10.05 -25.28
C LEU D 11 8.62 -10.37 -26.75
N LEU D 12 7.53 -11.11 -26.99
CA LEU D 12 7.24 -11.63 -28.31
C LEU D 12 6.88 -10.50 -29.26
N ILE D 13 6.27 -9.42 -28.74
CA ILE D 13 5.92 -8.24 -29.54
C ILE D 13 7.14 -7.69 -30.27
N GLU D 14 8.32 -7.76 -29.63
CA GLU D 14 9.58 -7.32 -30.23
C GLU D 14 9.82 -8.05 -31.56
N SER D 15 9.86 -9.39 -31.52
CA SER D 15 9.90 -10.24 -32.71
C SER D 15 9.63 -11.69 -32.30
N PRO D 16 9.28 -12.62 -33.23
CA PRO D 16 9.12 -14.04 -32.91
C PRO D 16 10.41 -14.65 -32.38
N MET D 17 10.30 -15.62 -31.44
CA MET D 17 11.52 -16.26 -30.94
C MET D 17 11.32 -17.73 -30.63
N HIS D 18 12.45 -18.44 -30.50
CA HIS D 18 12.49 -19.84 -30.12
C HIS D 18 12.36 -19.95 -28.61
N GLY D 19 11.93 -21.15 -28.15
CA GLY D 19 11.83 -21.49 -26.74
C GLY D 19 13.05 -21.00 -25.97
N TYR D 20 14.25 -21.35 -26.46
CA TYR D 20 15.49 -21.05 -25.76
C TYR D 20 15.63 -19.55 -25.55
N GLU D 21 15.33 -18.74 -26.58
CA GLU D 21 15.42 -17.28 -26.49
C GLU D 21 14.48 -16.72 -25.41
N LEU D 22 13.21 -17.16 -25.42
CA LEU D 22 12.20 -16.69 -24.51
C LEU D 22 12.60 -16.94 -23.05
N ARG D 23 13.00 -18.18 -22.73
CA ARG D 23 13.49 -18.53 -21.39
C ARG D 23 14.66 -17.64 -20.99
N LYS D 24 15.59 -17.43 -21.93
CA LYS D 24 16.75 -16.58 -21.68
C LYS D 24 16.28 -15.17 -21.36
N ARG D 25 15.45 -14.62 -22.24
CA ARG D 25 15.01 -13.24 -22.09
C ARG D 25 14.17 -13.09 -20.83
N LEU D 26 13.23 -14.03 -20.62
CA LEU D 26 12.44 -14.08 -19.39
C LEU D 26 13.32 -14.00 -18.14
N THR D 27 14.40 -14.77 -18.11
CA THR D 27 15.29 -14.76 -16.96
C THR D 27 15.94 -13.39 -16.83
N GLY D 28 16.26 -12.79 -17.97
CA GLY D 28 16.90 -11.48 -17.98
C GLY D 28 15.99 -10.39 -17.42
N LEU D 29 14.70 -10.51 -17.69
CA LEU D 29 13.67 -9.56 -17.30
C LEU D 29 13.42 -9.63 -15.80
N LEU D 30 13.70 -10.80 -15.17
CA LEU D 30 13.43 -11.02 -13.77
C LEU D 30 14.71 -10.96 -12.96
N GLY D 31 15.86 -10.66 -13.61
CA GLY D 31 17.15 -10.59 -12.95
C GLY D 31 17.46 -11.83 -12.11
N ALA D 32 17.32 -13.02 -12.74
CA ALA D 32 17.54 -14.33 -12.11
C ALA D 32 18.95 -14.86 -12.46
N PHE D 33 19.66 -15.56 -11.55
CA PHE D 33 20.84 -16.33 -12.00
C PHE D 33 20.40 -17.59 -12.77
N ARG D 34 19.72 -18.53 -12.10
CA ARG D 34 19.27 -19.77 -12.69
C ARG D 34 18.17 -19.45 -13.71
N ALA D 35 18.15 -20.22 -14.80
CA ALA D 35 17.22 -19.94 -15.88
C ALA D 35 15.80 -20.18 -15.39
N PHE D 36 14.85 -19.38 -15.93
CA PHE D 36 13.42 -19.51 -15.70
C PHE D 36 13.00 -20.94 -16.01
N SER D 37 12.22 -21.53 -15.08
CA SER D 37 12.02 -22.96 -15.09
C SER D 37 11.20 -23.38 -16.32
N TYR D 38 11.61 -24.50 -16.94
CA TYR D 38 10.66 -25.26 -17.75
C TYR D 38 9.61 -25.72 -16.76
N GLY D 39 8.38 -25.89 -17.25
CA GLY D 39 7.29 -26.26 -16.35
C GLY D 39 6.70 -25.02 -15.66
N SER D 40 7.48 -23.93 -15.57
CA SER D 40 6.84 -22.63 -15.39
C SER D 40 6.44 -22.09 -16.76
N LEU D 41 7.37 -22.20 -17.73
CA LEU D 41 7.23 -21.55 -19.02
C LEU D 41 6.27 -22.33 -19.92
N TYR D 42 6.53 -23.62 -20.12
CA TYR D 42 5.87 -24.40 -21.16
C TYR D 42 4.36 -24.53 -20.92
N PRO D 43 3.86 -24.75 -19.67
CA PRO D 43 2.41 -24.79 -19.45
C PRO D 43 1.70 -23.46 -19.78
N ALA D 44 2.40 -22.34 -19.51
CA ALA D 44 1.91 -21.02 -19.86
C ALA D 44 1.75 -20.89 -21.38
N LEU D 45 2.71 -21.45 -22.15
CA LEU D 45 2.68 -21.39 -23.60
C LEU D 45 1.56 -22.26 -24.17
N ARG D 46 1.33 -23.43 -23.54
CA ARG D 46 0.25 -24.32 -23.92
C ARG D 46 -1.09 -23.61 -23.71
N ARG D 47 -1.24 -22.97 -22.54
CA ARG D 47 -2.40 -22.15 -22.22
C ARG D 47 -2.53 -21.00 -23.20
N MET D 48 -1.44 -20.25 -23.40
CA MET D 48 -1.48 -19.02 -24.17
C MET D 48 -1.73 -19.33 -25.65
N GLN D 49 -1.31 -20.52 -26.09
CA GLN D 49 -1.66 -21.03 -27.42
C GLN D 49 -3.17 -21.26 -27.51
N ALA D 50 -3.74 -21.87 -26.46
CA ALA D 50 -5.13 -22.32 -26.43
C ALA D 50 -6.06 -21.11 -26.49
N ASP D 51 -5.72 -20.06 -25.72
CA ASP D 51 -6.49 -18.83 -25.68
C ASP D 51 -6.29 -18.00 -26.94
N GLY D 52 -5.37 -18.41 -27.83
CA GLY D 52 -5.19 -17.78 -29.13
C GLY D 52 -4.43 -16.46 -29.02
N LEU D 53 -3.42 -16.47 -28.16
CA LEU D 53 -2.58 -15.30 -27.89
C LEU D 53 -1.25 -15.50 -28.61
N ILE D 54 -0.84 -16.76 -28.78
CA ILE D 54 0.40 -17.11 -29.46
C ILE D 54 0.13 -18.27 -30.42
N ALA D 55 1.12 -18.52 -31.27
CA ALA D 55 1.15 -19.61 -32.25
C ALA D 55 2.56 -20.21 -32.27
N GLU D 56 2.61 -21.52 -32.61
CA GLU D 56 3.83 -22.30 -32.70
C GLU D 56 4.10 -22.67 -34.17
N ASN D 57 5.38 -22.55 -34.59
CA ASN D 57 5.77 -22.74 -35.99
C ASN D 57 6.52 -24.06 -36.19
N ALA D 58 7.11 -24.57 -35.08
CA ALA D 58 7.98 -25.74 -35.09
C ALA D 58 8.96 -25.70 -36.27
N ALA D 59 9.43 -24.48 -36.61
CA ALA D 59 10.41 -24.26 -37.66
C ALA D 59 10.02 -25.01 -38.94
N PRO D 60 10.95 -25.52 -39.81
CA PRO D 60 10.59 -26.27 -41.03
C PRO D 60 10.38 -27.80 -41.05
N ALA D 61 11.03 -28.52 -40.12
CA ALA D 61 10.82 -29.96 -39.95
C ALA D 61 10.10 -30.17 -38.63
N GLY D 62 9.41 -31.31 -38.49
CA GLY D 62 8.57 -31.60 -37.33
C GLY D 62 9.34 -32.23 -36.18
N ARG D 69 14.10 -26.13 -30.03
CA ARG D 69 12.71 -25.79 -29.63
C ARG D 69 12.02 -25.09 -30.80
N ARG D 70 10.68 -25.04 -30.72
CA ARG D 70 9.87 -24.44 -31.78
C ARG D 70 9.96 -22.92 -31.68
N VAL D 71 9.47 -22.23 -32.72
CA VAL D 71 9.43 -20.77 -32.73
C VAL D 71 8.02 -20.31 -32.38
N TYR D 72 7.95 -19.25 -31.56
CA TYR D 72 6.71 -18.73 -30.99
C TYR D 72 6.50 -17.29 -31.44
N GLN D 73 5.27 -17.07 -31.92
CA GLN D 73 4.86 -15.81 -32.52
C GLN D 73 3.60 -15.36 -31.80
N LEU D 74 3.36 -14.05 -31.85
CA LEU D 74 2.20 -13.40 -31.28
C LEU D 74 1.07 -13.43 -32.31
N THR D 75 -0.17 -13.54 -31.84
CA THR D 75 -1.35 -13.45 -32.71
C THR D 75 -1.83 -12.00 -32.74
N ASP D 76 -2.88 -11.73 -33.52
CA ASP D 76 -3.56 -10.45 -33.50
C ASP D 76 -4.22 -10.24 -32.14
N LYS D 77 -4.92 -11.27 -31.67
CA LYS D 77 -5.52 -11.31 -30.35
C LYS D 77 -4.42 -11.10 -29.32
N GLY D 78 -3.24 -11.69 -29.56
CA GLY D 78 -2.05 -11.47 -28.76
C GLY D 78 -1.64 -10.00 -28.69
N ARG D 79 -1.51 -9.35 -29.86
CA ARG D 79 -1.08 -7.96 -29.93
C ARG D 79 -2.06 -7.05 -29.18
N ARG D 80 -3.37 -7.35 -29.29
CA ARG D 80 -4.43 -6.63 -28.58
C ARG D 80 -4.25 -6.83 -27.09
N ARG D 81 -4.10 -8.10 -26.65
CA ARG D 81 -4.09 -8.46 -25.25
C ARG D 81 -2.93 -7.77 -24.54
N PHE D 82 -1.78 -7.68 -25.22
CA PHE D 82 -0.65 -6.94 -24.68
C PHE D 82 -1.07 -5.49 -24.44
N GLY D 83 -1.65 -4.90 -25.50
CA GLY D 83 -2.04 -3.50 -25.48
C GLY D 83 -2.97 -3.19 -24.32
N GLU D 84 -3.83 -4.17 -23.96
CA GLU D 84 -4.68 -4.06 -22.79
C GLU D 84 -3.77 -4.02 -21.57
N LEU D 85 -2.93 -5.05 -21.39
CA LEU D 85 -2.23 -5.28 -20.14
C LEU D 85 -1.25 -4.15 -19.85
N VAL D 86 -0.53 -3.64 -20.86
CA VAL D 86 0.35 -2.52 -20.61
C VAL D 86 -0.43 -1.31 -20.08
N ALA D 87 -1.67 -1.14 -20.53
CA ALA D 87 -2.49 -0.03 -20.09
C ALA D 87 -2.94 -0.22 -18.63
N ASP D 88 -3.12 -1.50 -18.22
CA ASP D 88 -3.72 -1.85 -16.95
C ASP D 88 -2.89 -1.28 -15.80
N THR D 89 -3.57 -0.89 -14.71
CA THR D 89 -2.92 -0.33 -13.54
C THR D 89 -3.45 -0.98 -12.27
N GLY D 90 -4.07 -2.16 -12.38
CA GLY D 90 -4.72 -2.84 -11.25
C GLY D 90 -3.71 -3.37 -10.23
N PRO D 91 -4.17 -3.77 -9.03
CA PRO D 91 -3.29 -4.27 -7.97
C PRO D 91 -2.25 -5.31 -8.38
N HIS D 92 -2.54 -6.09 -9.42
CA HIS D 92 -1.59 -7.11 -9.89
C HIS D 92 -0.30 -6.44 -10.36
N ASN D 93 -0.31 -5.14 -10.65
CA ASN D 93 0.88 -4.43 -11.12
C ASN D 93 1.76 -3.94 -9.96
N TYR D 94 1.29 -4.03 -8.70
CA TYR D 94 2.03 -3.39 -7.62
C TYR D 94 2.89 -4.39 -6.86
N THR D 95 2.70 -5.70 -7.07
CA THR D 95 3.50 -6.72 -6.41
C THR D 95 4.91 -6.68 -7.01
N ASP D 96 5.85 -7.30 -6.28
CA ASP D 96 7.28 -7.23 -6.58
C ASP D 96 7.55 -7.63 -8.03
N ASP D 97 7.06 -8.82 -8.40
CA ASP D 97 7.22 -9.33 -9.75
C ASP D 97 6.33 -8.57 -10.73
N GLY D 98 5.08 -8.28 -10.32
CA GLY D 98 4.16 -7.51 -11.13
C GLY D 98 4.77 -6.19 -11.58
N PHE D 99 5.39 -5.49 -10.63
CA PHE D 99 5.92 -4.16 -10.86
C PHE D 99 7.09 -4.23 -11.84
N GLY D 100 8.09 -5.05 -11.50
CA GLY D 100 9.31 -5.21 -12.26
C GLY D 100 9.07 -5.61 -13.71
N VAL D 101 8.08 -6.49 -13.94
CA VAL D 101 7.69 -6.87 -15.28
C VAL D 101 7.11 -5.66 -16.00
N HIS D 102 6.15 -4.95 -15.38
CA HIS D 102 5.49 -3.83 -16.03
C HIS D 102 6.51 -2.74 -16.30
N LEU D 103 7.39 -2.48 -15.32
CA LEU D 103 8.37 -1.42 -15.40
C LEU D 103 9.25 -1.61 -16.63
N ALA D 104 9.48 -2.87 -17.02
CA ALA D 104 10.25 -3.21 -18.20
C ALA D 104 9.61 -2.56 -19.43
N PHE D 105 8.28 -2.69 -19.52
CA PHE D 105 7.51 -2.23 -20.65
C PHE D 105 6.93 -0.82 -20.43
N PHE D 106 7.56 -0.03 -19.57
CA PHE D 106 7.18 1.37 -19.43
C PHE D 106 7.33 2.10 -20.76
N ASN D 107 8.25 1.62 -21.62
CA ASN D 107 8.44 2.18 -22.95
C ASN D 107 7.09 2.26 -23.69
N ARG D 108 6.24 1.24 -23.48
CA ARG D 108 4.96 1.12 -24.16
C ARG D 108 3.78 1.28 -23.19
N THR D 109 3.99 1.98 -22.07
CA THR D 109 2.95 2.24 -21.07
C THR D 109 2.57 3.73 -21.10
N PRO D 110 1.29 4.10 -21.33
CA PRO D 110 0.91 5.52 -21.40
C PRO D 110 1.21 6.27 -20.10
N ALA D 111 1.58 7.56 -20.25
CA ALA D 111 2.04 8.41 -19.16
C ALA D 111 1.12 8.33 -17.94
N GLU D 112 -0.20 8.29 -18.19
CA GLU D 112 -1.18 8.22 -17.11
C GLU D 112 -0.99 6.92 -16.33
N ALA D 113 -0.96 5.79 -17.06
CA ALA D 113 -0.85 4.47 -16.44
C ALA D 113 0.46 4.37 -15.68
N ARG D 114 1.57 4.80 -16.30
CA ARG D 114 2.86 4.82 -15.65
C ARG D 114 2.73 5.46 -14.27
N MET D 115 2.11 6.64 -14.24
CA MET D 115 2.03 7.42 -13.02
C MET D 115 1.23 6.67 -11.97
N ARG D 116 0.10 6.08 -12.39
CA ARG D 116 -0.77 5.33 -11.49
C ARG D 116 0.01 4.15 -10.91
N ILE D 117 0.70 3.40 -11.77
CA ILE D 117 1.44 2.21 -11.36
C ILE D 117 2.52 2.57 -10.33
N LEU D 118 3.33 3.60 -10.62
CA LEU D 118 4.33 4.10 -9.67
C LEU D 118 3.70 4.38 -8.30
N GLU D 119 2.50 4.99 -8.30
CA GLU D 119 1.87 5.37 -7.06
C GLU D 119 1.35 4.13 -6.34
N GLY D 120 0.71 3.24 -7.10
CA GLY D 120 0.19 1.98 -6.56
C GLY D 120 1.31 1.15 -5.96
N ARG D 121 2.51 1.18 -6.58
CA ARG D 121 3.67 0.51 -6.04
C ARG D 121 4.07 1.19 -4.74
N ARG D 122 4.13 2.53 -4.75
CA ARG D 122 4.55 3.26 -3.56
C ARG D 122 3.62 2.97 -2.37
N ARG D 123 2.32 2.87 -2.66
CA ARG D 123 1.33 2.53 -1.66
C ARG D 123 1.60 1.13 -1.11
N GLN D 124 1.98 0.21 -2.00
CA GLN D 124 2.19 -1.17 -1.59
C GLN D 124 3.44 -1.27 -0.73
N VAL D 125 4.51 -0.58 -1.07
CA VAL D 125 5.75 -0.69 -0.32
C VAL D 125 5.57 0.03 1.02
N GLU D 126 4.84 1.16 1.01
CA GLU D 126 4.53 1.88 2.23
C GLU D 126 3.85 0.95 3.25
N GLU D 127 2.85 0.20 2.76
CA GLU D 127 2.07 -0.68 3.60
C GLU D 127 2.95 -1.83 4.10
N ARG D 128 3.83 -2.31 3.23
CA ARG D 128 4.78 -3.37 3.58
C ARG D 128 5.65 -2.88 4.73
N ARG D 129 6.20 -1.67 4.59
CA ARG D 129 7.03 -1.05 5.61
C ARG D 129 6.30 -0.96 6.95
N GLU D 130 5.00 -0.65 6.92
CA GLU D 130 4.25 -0.47 8.14
C GLU D 130 4.13 -1.82 8.87
N GLY D 131 3.72 -2.85 8.12
CA GLY D 131 3.64 -4.20 8.62
C GLY D 131 4.98 -4.67 9.21
N LEU D 132 6.09 -4.22 8.63
CA LEU D 132 7.43 -4.62 9.05
C LEU D 132 7.86 -3.87 10.31
N ARG D 133 7.56 -2.57 10.41
CA ARG D 133 7.72 -1.83 11.66
C ARG D 133 6.92 -2.52 12.76
N GLU D 134 5.66 -2.82 12.47
CA GLU D 134 4.76 -3.48 13.40
C GLU D 134 5.34 -4.86 13.77
N ALA D 135 5.92 -5.56 12.80
CA ALA D 135 6.47 -6.89 13.02
C ALA D 135 7.64 -6.86 14.01
N VAL D 136 8.54 -5.87 13.82
CA VAL D 136 9.71 -5.68 14.66
C VAL D 136 9.28 -5.39 16.08
N ALA D 137 8.22 -4.57 16.23
CA ALA D 137 7.66 -4.29 17.54
C ALA D 137 7.27 -5.60 18.24
N ARG D 138 6.70 -6.55 17.48
CA ARG D 138 6.23 -7.83 17.97
C ARG D 138 7.37 -8.74 18.41
N ALA D 139 8.63 -8.46 18.01
CA ALA D 139 9.77 -9.16 18.63
C ALA D 139 10.12 -8.57 20.00
N SER D 140 9.82 -9.32 21.07
CA SER D 140 9.64 -8.79 22.41
C SER D 140 9.48 -9.94 23.40
N ASP D 144 13.17 -13.85 20.35
CA ASP D 144 13.22 -14.20 18.91
C ASP D 144 14.04 -13.15 18.16
N ARG D 145 15.37 -13.26 18.27
CA ARG D 145 16.27 -12.22 17.80
C ARG D 145 16.46 -12.29 16.29
N TYR D 146 16.26 -13.49 15.71
CA TYR D 146 16.58 -13.74 14.31
C TYR D 146 15.51 -13.15 13.40
N THR D 147 14.24 -13.49 13.69
CA THR D 147 13.08 -12.93 13.00
C THR D 147 13.13 -11.41 13.01
N ARG D 148 13.54 -10.83 14.14
CA ARG D 148 13.55 -9.38 14.29
C ARG D 148 14.48 -8.76 13.27
N GLN D 149 15.69 -9.33 13.15
CA GLN D 149 16.74 -8.78 12.30
C GLN D 149 16.32 -8.88 10.84
N LEU D 150 15.68 -9.98 10.48
CA LEU D 150 15.22 -10.21 9.12
C LEU D 150 14.21 -9.13 8.76
N HIS D 151 13.23 -8.93 9.64
CA HIS D 151 12.23 -7.89 9.43
C HIS D 151 12.93 -6.53 9.32
N GLN D 152 13.87 -6.28 10.25
CA GLN D 152 14.66 -5.06 10.23
C GLN D 152 15.29 -4.86 8.85
N LEU D 153 15.80 -5.95 8.25
CA LEU D 153 16.41 -5.89 6.92
C LEU D 153 15.34 -5.52 5.90
N GLY D 154 14.21 -6.24 5.98
CA GLY D 154 13.04 -5.97 5.17
C GLY D 154 12.66 -4.50 5.22
N LEU D 155 12.70 -3.91 6.43
CA LEU D 155 12.29 -2.54 6.68
C LEU D 155 13.22 -1.57 5.94
N GLU D 156 14.53 -1.72 6.13
CA GLU D 156 15.46 -0.79 5.52
C GLU D 156 15.33 -0.82 4.01
N SER D 157 15.05 -2.01 3.45
CA SER D 157 14.89 -2.15 2.00
C SER D 157 13.70 -1.33 1.54
N SER D 158 12.56 -1.50 2.24
CA SER D 158 11.35 -0.75 1.94
C SER D 158 11.68 0.74 1.92
N GLU D 159 12.35 1.18 2.99
CA GLU D 159 12.74 2.57 3.13
C GLU D 159 13.47 3.04 1.88
N ARG D 160 14.47 2.27 1.44
CA ARG D 160 15.26 2.65 0.29
C ARG D 160 14.36 2.72 -0.96
N GLU D 161 13.48 1.74 -1.10
CA GLU D 161 12.65 1.64 -2.30
C GLU D 161 11.65 2.79 -2.35
N VAL D 162 10.99 3.08 -1.22
CA VAL D 162 10.11 4.25 -1.14
C VAL D 162 10.87 5.50 -1.59
N LYS D 163 12.03 5.77 -0.97
CA LYS D 163 12.83 6.93 -1.30
C LYS D 163 13.03 6.99 -2.81
N TRP D 164 13.27 5.82 -3.42
CA TRP D 164 13.51 5.75 -4.85
C TRP D 164 12.25 6.13 -5.62
N LEU D 165 11.11 5.56 -5.18
CA LEU D 165 9.87 5.71 -5.90
C LEU D 165 9.46 7.18 -5.91
N ASN D 166 9.68 7.84 -4.75
CA ASN D 166 9.36 9.24 -4.58
C ASN D 166 10.15 10.07 -5.57
N GLU D 167 11.44 9.76 -5.70
CA GLU D 167 12.29 10.45 -6.65
C GLU D 167 11.77 10.22 -8.05
N LEU D 168 11.30 9.01 -8.31
CA LEU D 168 10.86 8.64 -9.64
C LEU D 168 9.49 9.29 -9.91
N ILE D 169 8.66 9.38 -8.87
CA ILE D 169 7.37 10.04 -9.04
C ILE D 169 7.56 11.54 -9.26
N ALA D 170 8.43 12.13 -8.44
CA ALA D 170 8.75 13.54 -8.47
C ALA D 170 9.17 13.95 -9.89
N ALA D 171 10.04 13.09 -10.48
CA ALA D 171 10.65 13.39 -11.76
C ALA D 171 9.56 13.41 -12.84
N GLU D 172 8.60 12.46 -12.75
CA GLU D 172 7.63 12.33 -13.82
C GLU D 172 6.72 13.56 -13.88
N ARG D 173 6.43 14.17 -12.73
CA ARG D 173 5.56 15.34 -12.71
C ARG D 173 6.27 16.50 -13.44
N ALA D 174 7.53 16.73 -13.07
CA ALA D 174 8.31 17.89 -13.50
C ALA D 174 8.70 17.78 -14.98
N ALA D 175 8.87 18.95 -15.62
CA ALA D 175 9.25 19.06 -17.02
C ALA D 175 10.46 20.01 -17.18
N PHE E 2 -28.03 -11.17 -0.58
CA PHE E 2 -27.17 -9.95 -0.60
C PHE E 2 -27.02 -9.43 -2.03
N MET E 3 -26.37 -8.27 -2.14
CA MET E 3 -26.09 -7.59 -3.40
C MET E 3 -25.24 -8.47 -4.31
N LEU E 4 -24.37 -9.32 -3.74
CA LEU E 4 -23.42 -10.12 -4.49
C LEU E 4 -24.07 -10.93 -5.59
N GLU E 5 -25.13 -11.69 -5.26
CA GLU E 5 -25.92 -12.41 -6.26
C GLU E 5 -26.31 -11.48 -7.40
N LEU E 6 -26.97 -10.36 -7.06
CA LEU E 6 -27.42 -9.40 -8.06
C LEU E 6 -26.25 -8.95 -8.92
N ALA E 7 -25.12 -8.63 -8.26
CA ALA E 7 -23.95 -8.18 -8.98
C ALA E 7 -23.49 -9.27 -9.94
N ILE E 8 -23.45 -10.52 -9.45
CA ILE E 8 -22.91 -11.63 -10.20
C ILE E 8 -23.84 -11.94 -11.37
N LEU E 9 -25.13 -12.17 -11.04
CA LEU E 9 -26.15 -12.50 -12.01
C LEU E 9 -26.22 -11.39 -13.07
N GLY E 10 -26.17 -10.14 -12.62
CA GLY E 10 -26.31 -9.02 -13.54
C GLY E 10 -25.11 -8.89 -14.48
N LEU E 11 -23.93 -9.36 -14.02
CA LEU E 11 -22.74 -9.28 -14.85
C LEU E 11 -22.79 -10.39 -15.89
N LEU E 12 -23.17 -11.58 -15.43
CA LEU E 12 -23.16 -12.78 -16.25
C LEU E 12 -24.21 -12.67 -17.35
N ILE E 13 -25.34 -12.00 -17.07
CA ILE E 13 -26.41 -11.79 -18.04
C ILE E 13 -25.86 -11.10 -19.29
N GLU E 14 -24.90 -10.18 -19.12
CA GLU E 14 -24.26 -9.46 -20.21
C GLU E 14 -23.64 -10.43 -21.21
N SER E 15 -22.74 -11.30 -20.72
CA SER E 15 -22.20 -12.44 -21.48
C SER E 15 -21.45 -13.37 -20.51
N PRO E 16 -21.18 -14.66 -20.86
CA PRO E 16 -20.42 -15.55 -19.98
C PRO E 16 -19.01 -15.01 -19.71
N MET E 17 -18.46 -15.28 -18.52
CA MET E 17 -17.20 -14.66 -18.13
C MET E 17 -16.32 -15.64 -17.36
N HIS E 18 -15.01 -15.42 -17.45
CA HIS E 18 -14.00 -16.15 -16.69
C HIS E 18 -13.92 -15.56 -15.30
N GLY E 19 -13.43 -16.35 -14.34
CA GLY E 19 -13.22 -15.91 -12.97
C GLY E 19 -12.55 -14.55 -12.90
N TYR E 20 -11.44 -14.38 -13.64
CA TYR E 20 -10.68 -13.15 -13.62
C TYR E 20 -11.54 -11.95 -14.00
N GLU E 21 -12.36 -12.10 -15.06
CA GLU E 21 -13.23 -11.04 -15.54
C GLU E 21 -14.24 -10.62 -14.45
N LEU E 22 -14.90 -11.63 -13.85
CA LEU E 22 -15.94 -11.42 -12.87
C LEU E 22 -15.41 -10.62 -11.69
N ARG E 23 -14.26 -11.05 -11.11
CA ARG E 23 -13.63 -10.36 -10.00
C ARG E 23 -13.33 -8.90 -10.38
N LYS E 24 -12.79 -8.72 -11.60
CA LYS E 24 -12.48 -7.39 -12.09
C LYS E 24 -13.76 -6.55 -12.13
N ARG E 25 -14.77 -7.09 -12.80
CA ARG E 25 -16.00 -6.35 -13.02
C ARG E 25 -16.70 -6.11 -11.67
N LEU E 26 -16.78 -7.15 -10.84
CA LEU E 26 -17.32 -7.04 -9.49
C LEU E 26 -16.68 -5.89 -8.71
N THR E 27 -15.35 -5.76 -8.79
CA THR E 27 -14.66 -4.69 -8.10
C THR E 27 -15.10 -3.35 -8.67
N GLY E 28 -15.30 -3.32 -10.01
CA GLY E 28 -15.70 -2.10 -10.69
C GLY E 28 -17.08 -1.62 -10.25
N LEU E 29 -17.97 -2.58 -10.00
CA LEU E 29 -19.35 -2.36 -9.63
C LEU E 29 -19.45 -1.82 -8.19
N LEU E 30 -18.47 -2.13 -7.35
CA LEU E 30 -18.48 -1.74 -5.95
C LEU E 30 -17.45 -0.64 -5.70
N GLY E 31 -16.89 -0.04 -6.78
CA GLY E 31 -15.87 1.00 -6.67
C GLY E 31 -14.49 0.49 -7.10
N PHE E 36 -8.45 -2.47 -5.92
CA PHE E 36 -9.28 -2.81 -4.73
C PHE E 36 -9.26 -4.32 -4.51
N SER E 37 -9.61 -4.71 -3.29
CA SER E 37 -9.52 -6.09 -2.83
C SER E 37 -10.43 -7.01 -3.65
N TYR E 38 -9.89 -8.17 -4.01
CA TYR E 38 -10.66 -9.21 -4.68
C TYR E 38 -11.77 -9.72 -3.75
N GLY E 39 -11.40 -10.02 -2.49
CA GLY E 39 -12.27 -10.74 -1.57
C GLY E 39 -12.39 -12.23 -1.91
N SER E 40 -13.20 -12.95 -1.13
CA SER E 40 -13.51 -14.35 -1.43
C SER E 40 -14.93 -14.48 -1.99
N LEU E 41 -15.02 -14.50 -3.34
CA LEU E 41 -16.29 -14.63 -4.04
C LEU E 41 -16.54 -16.09 -4.36
N TYR E 42 -15.49 -16.92 -4.47
CA TYR E 42 -15.58 -18.29 -4.97
C TYR E 42 -16.54 -19.17 -4.16
N PRO E 43 -16.67 -19.04 -2.82
CA PRO E 43 -17.73 -19.75 -2.08
C PRO E 43 -19.15 -19.41 -2.53
N ALA E 44 -19.38 -18.15 -2.90
CA ALA E 44 -20.67 -17.71 -3.44
C ALA E 44 -20.94 -18.41 -4.78
N LEU E 45 -19.90 -18.59 -5.61
CA LEU E 45 -20.06 -19.28 -6.89
C LEU E 45 -20.34 -20.78 -6.70
N ARG E 46 -19.69 -21.39 -5.68
CA ARG E 46 -19.93 -22.77 -5.33
C ARG E 46 -21.39 -22.94 -4.90
N ARG E 47 -21.86 -22.03 -4.05
CA ARG E 47 -23.26 -21.97 -3.62
C ARG E 47 -24.17 -21.72 -4.82
N MET E 48 -23.85 -20.70 -5.63
CA MET E 48 -24.73 -20.28 -6.71
C MET E 48 -24.80 -21.36 -7.78
N GLN E 49 -23.72 -22.16 -7.92
CA GLN E 49 -23.72 -23.33 -8.78
C GLN E 49 -24.70 -24.38 -8.24
N ALA E 50 -24.66 -24.59 -6.91
CA ALA E 50 -25.41 -25.64 -6.23
C ALA E 50 -26.91 -25.39 -6.36
N ASP E 51 -27.32 -24.13 -6.16
CA ASP E 51 -28.71 -23.73 -6.27
C ASP E 51 -29.17 -23.66 -7.72
N GLY E 52 -28.25 -23.87 -8.68
CA GLY E 52 -28.60 -24.01 -10.08
C GLY E 52 -28.88 -22.65 -10.73
N LEU E 53 -28.06 -21.66 -10.36
CA LEU E 53 -28.20 -20.30 -10.83
C LEU E 53 -27.11 -20.05 -11.86
N ILE E 54 -25.98 -20.76 -11.73
CA ILE E 54 -24.86 -20.65 -12.67
C ILE E 54 -24.36 -22.05 -13.03
N ALA E 55 -23.49 -22.12 -14.06
CA ALA E 55 -22.87 -23.33 -14.60
C ALA E 55 -21.42 -23.03 -14.98
N GLU E 56 -20.54 -24.05 -14.96
CA GLU E 56 -19.10 -23.91 -15.20
C GLU E 56 -18.71 -24.69 -16.46
N ASN E 57 -17.77 -24.12 -17.25
CA ASN E 57 -17.15 -24.77 -18.39
C ASN E 57 -15.69 -25.12 -18.09
N ALA E 58 -15.08 -25.88 -19.02
CA ALA E 58 -13.67 -26.22 -19.03
C ALA E 58 -12.84 -25.02 -19.47
N ARG E 69 -8.86 -19.03 -14.65
CA ARG E 69 -9.99 -19.75 -13.99
C ARG E 69 -10.96 -20.26 -15.08
N ARG E 70 -12.01 -20.98 -14.66
CA ARG E 70 -13.02 -21.51 -15.57
C ARG E 70 -13.94 -20.38 -16.04
N VAL E 71 -14.76 -20.69 -17.05
CA VAL E 71 -15.74 -19.75 -17.57
C VAL E 71 -17.11 -20.10 -16.99
N TYR E 72 -17.86 -19.04 -16.61
CA TYR E 72 -19.10 -19.15 -15.87
C TYR E 72 -20.24 -18.55 -16.69
N GLN E 73 -21.36 -19.28 -16.70
CA GLN E 73 -22.55 -18.95 -17.47
C GLN E 73 -23.74 -18.93 -16.53
N LEU E 74 -24.80 -18.23 -16.94
CA LEU E 74 -26.05 -18.12 -16.20
C LEU E 74 -26.96 -19.25 -16.64
N THR E 75 -27.81 -19.75 -15.72
CA THR E 75 -28.84 -20.73 -16.04
C THR E 75 -30.15 -20.01 -16.35
N ASP E 76 -31.18 -20.77 -16.73
CA ASP E 76 -32.52 -20.23 -16.88
C ASP E 76 -33.07 -19.81 -15.52
N LYS E 77 -32.88 -20.67 -14.50
CA LYS E 77 -33.20 -20.36 -13.12
C LYS E 77 -32.44 -19.09 -12.70
N GLY E 78 -31.18 -18.99 -13.16
CA GLY E 78 -30.38 -17.80 -13.02
C GLY E 78 -31.05 -16.53 -13.61
N ARG E 79 -31.47 -16.61 -14.88
CA ARG E 79 -32.08 -15.49 -15.59
C ARG E 79 -33.36 -15.03 -14.86
N ARG E 80 -34.15 -15.98 -14.35
CA ARG E 80 -35.35 -15.69 -13.58
C ARG E 80 -34.97 -14.97 -12.28
N ARG E 81 -34.00 -15.52 -11.55
CA ARG E 81 -33.63 -15.02 -10.24
C ARG E 81 -33.18 -13.55 -10.33
N PHE E 82 -32.42 -13.25 -11.38
CA PHE E 82 -32.02 -11.89 -11.67
C PHE E 82 -33.27 -11.02 -11.83
N GLY E 83 -34.22 -11.49 -12.66
CA GLY E 83 -35.44 -10.78 -12.95
C GLY E 83 -36.21 -10.42 -11.68
N GLU E 84 -36.14 -11.30 -10.67
CA GLU E 84 -36.68 -10.99 -9.35
C GLU E 84 -35.89 -9.82 -8.75
N LEU E 85 -34.57 -10.01 -8.64
CA LEU E 85 -33.73 -9.11 -7.86
C LEU E 85 -33.72 -7.69 -8.45
N VAL E 86 -33.66 -7.57 -9.79
CA VAL E 86 -33.70 -6.25 -10.39
C VAL E 86 -34.99 -5.53 -10.05
N ALA E 87 -36.08 -6.27 -9.88
CA ALA E 87 -37.37 -5.68 -9.52
C ALA E 87 -37.35 -5.18 -8.08
N ASP E 88 -36.57 -5.83 -7.19
CA ASP E 88 -36.56 -5.53 -5.77
C ASP E 88 -36.22 -4.06 -5.50
N THR E 89 -36.84 -3.47 -4.47
CA THR E 89 -36.62 -2.08 -4.11
C THR E 89 -36.45 -1.94 -2.59
N GLY E 90 -36.12 -3.04 -1.91
CA GLY E 90 -36.02 -3.08 -0.45
C GLY E 90 -34.82 -2.28 0.05
N PRO E 91 -34.76 -2.00 1.38
CA PRO E 91 -33.65 -1.25 1.97
C PRO E 91 -32.25 -1.71 1.58
N HIS E 92 -32.11 -2.99 1.20
CA HIS E 92 -30.89 -3.57 0.66
C HIS E 92 -30.33 -2.70 -0.47
N ASN E 93 -31.19 -2.01 -1.20
CA ASN E 93 -30.82 -1.27 -2.40
C ASN E 93 -30.37 0.16 -2.08
N TYR E 94 -30.50 0.63 -0.83
CA TYR E 94 -30.27 2.04 -0.59
C TYR E 94 -28.87 2.33 -0.02
N THR E 95 -28.18 1.27 0.44
CA THR E 95 -26.83 1.39 0.96
C THR E 95 -25.89 1.70 -0.21
N ASP E 96 -24.69 2.18 0.14
CA ASP E 96 -23.68 2.65 -0.80
C ASP E 96 -23.40 1.60 -1.85
N ASP E 97 -23.09 0.38 -1.40
CA ASP E 97 -22.79 -0.73 -2.28
C ASP E 97 -24.07 -1.20 -2.97
N GLY E 98 -25.15 -1.32 -2.18
CA GLY E 98 -26.44 -1.75 -2.69
C GLY E 98 -26.87 -0.91 -3.88
N PHE E 99 -26.73 0.41 -3.73
CA PHE E 99 -27.25 1.37 -4.70
C PHE E 99 -26.45 1.25 -5.99
N GLY E 100 -25.11 1.38 -5.86
CA GLY E 100 -24.20 1.37 -6.99
C GLY E 100 -24.31 0.11 -7.83
N VAL E 101 -24.47 -1.04 -7.17
CA VAL E 101 -24.70 -2.31 -7.86
C VAL E 101 -26.02 -2.24 -8.63
N HIS E 102 -27.12 -1.82 -7.99
CA HIS E 102 -28.41 -1.85 -8.65
C HIS E 102 -28.41 -0.85 -9.79
N LEU E 103 -27.81 0.33 -9.53
CA LEU E 103 -27.79 1.42 -10.49
C LEU E 103 -27.15 0.96 -11.80
N ALA E 104 -26.19 0.03 -11.70
CA ALA E 104 -25.53 -0.56 -12.86
C ALA E 104 -26.57 -1.17 -13.78
N PHE E 105 -27.51 -1.93 -13.18
CA PHE E 105 -28.47 -2.69 -13.95
C PHE E 105 -29.81 -1.95 -14.05
N PHE E 106 -29.78 -0.62 -13.97
CA PHE E 106 -30.97 0.17 -14.23
C PHE E 106 -31.52 -0.10 -15.64
N ASN E 107 -30.64 -0.47 -16.56
CA ASN E 107 -30.98 -0.86 -17.93
C ASN E 107 -32.13 -1.87 -17.90
N ARG E 108 -32.08 -2.80 -16.94
CA ARG E 108 -33.02 -3.91 -16.84
C ARG E 108 -33.88 -3.79 -15.57
N THR E 109 -34.06 -2.56 -15.05
CA THR E 109 -34.88 -2.32 -13.87
C THR E 109 -36.15 -1.56 -14.27
N PRO E 110 -37.37 -2.07 -13.96
CA PRO E 110 -38.61 -1.40 -14.36
C PRO E 110 -38.73 0.00 -13.78
N ALA E 111 -39.35 0.90 -14.57
CA ALA E 111 -39.40 2.33 -14.29
C ALA E 111 -39.89 2.58 -12.86
N GLU E 112 -40.86 1.77 -12.40
CA GLU E 112 -41.41 1.87 -11.06
C GLU E 112 -40.30 1.64 -10.03
N ALA E 113 -39.61 0.51 -10.17
CA ALA E 113 -38.57 0.11 -9.23
C ALA E 113 -37.46 1.14 -9.20
N ARG E 114 -37.00 1.55 -10.39
CA ARG E 114 -35.99 2.59 -10.52
C ARG E 114 -36.36 3.78 -9.64
N MET E 115 -37.61 4.24 -9.77
CA MET E 115 -38.05 5.45 -9.10
C MET E 115 -38.02 5.25 -7.59
N ARG E 116 -38.48 4.07 -7.13
CA ARG E 116 -38.51 3.77 -5.71
C ARG E 116 -37.08 3.75 -5.18
N ILE E 117 -36.17 3.07 -5.88
CA ILE E 117 -34.79 2.92 -5.46
C ILE E 117 -34.13 4.29 -5.32
N LEU E 118 -34.25 5.15 -6.35
CA LEU E 118 -33.74 6.50 -6.31
C LEU E 118 -34.23 7.25 -5.08
N GLU E 119 -35.51 7.07 -4.73
CA GLU E 119 -36.08 7.80 -3.61
C GLU E 119 -35.54 7.24 -2.31
N GLY E 120 -35.50 5.91 -2.20
CA GLY E 120 -34.93 5.26 -1.02
C GLY E 120 -33.47 5.64 -0.78
N ARG E 121 -32.73 5.82 -1.88
CA ARG E 121 -31.36 6.30 -1.78
C ARG E 121 -31.37 7.75 -1.30
N ARG E 122 -32.25 8.58 -1.87
CA ARG E 122 -32.33 9.99 -1.51
C ARG E 122 -32.65 10.15 -0.03
N ARG E 123 -33.52 9.28 0.49
CA ARG E 123 -33.86 9.29 1.91
C ARG E 123 -32.62 8.98 2.73
N GLN E 124 -31.83 8.01 2.27
CA GLN E 124 -30.66 7.62 3.03
C GLN E 124 -29.60 8.72 3.04
N VAL E 125 -29.37 9.36 1.89
CA VAL E 125 -28.33 10.38 1.82
C VAL E 125 -28.79 11.63 2.56
N GLU E 126 -30.10 11.93 2.47
CA GLU E 126 -30.69 13.05 3.19
C GLU E 126 -30.40 12.89 4.68
N GLU E 127 -30.63 11.69 5.22
CA GLU E 127 -30.48 11.44 6.64
C GLU E 127 -28.99 11.54 7.02
N ARG E 128 -28.12 11.06 6.12
CA ARG E 128 -26.69 11.14 6.32
C ARG E 128 -26.28 12.61 6.46
N ARG E 129 -26.75 13.44 5.51
CA ARG E 129 -26.51 14.87 5.50
C ARG E 129 -26.96 15.53 6.80
N GLU E 130 -28.10 15.09 7.34
CA GLU E 130 -28.68 15.68 8.52
C GLU E 130 -27.78 15.41 9.72
N GLY E 131 -27.38 14.14 9.88
CA GLY E 131 -26.46 13.72 10.92
C GLY E 131 -25.16 14.52 10.87
N LEU E 132 -24.72 14.84 9.65
CA LEU E 132 -23.47 15.52 9.43
C LEU E 132 -23.58 17.02 9.71
N ARG E 133 -24.69 17.66 9.29
CA ARG E 133 -25.01 19.03 9.68
C ARG E 133 -25.02 19.10 11.20
N GLU E 134 -25.75 18.17 11.84
CA GLU E 134 -25.89 18.14 13.29
C GLU E 134 -24.50 17.94 13.92
N ALA E 135 -23.67 17.10 13.29
CA ALA E 135 -22.36 16.79 13.83
C ALA E 135 -21.46 18.02 13.84
N VAL E 136 -21.48 18.80 12.75
CA VAL E 136 -20.69 20.02 12.60
C VAL E 136 -21.13 21.03 13.67
N ALA E 137 -22.44 21.13 13.88
CA ALA E 137 -23.01 22.09 14.82
C ALA E 137 -22.40 21.87 16.21
N ARG E 138 -22.34 20.61 16.64
CA ARG E 138 -21.92 20.27 17.98
C ARG E 138 -20.39 20.35 18.11
N ALA E 139 -19.68 20.49 16.99
CA ALA E 139 -18.22 20.61 17.02
C ALA E 139 -17.83 22.08 17.12
N SER E 140 -17.18 22.47 18.23
CA SER E 140 -16.74 23.85 18.44
C SER E 140 -15.46 23.93 19.26
N ASP E 144 -11.59 20.84 19.14
CA ASP E 144 -11.87 19.62 18.34
C ASP E 144 -12.19 20.03 16.91
N ARG E 145 -11.21 20.68 16.28
CA ARG E 145 -11.38 21.32 14.98
C ARG E 145 -11.33 20.28 13.88
N TYR E 146 -10.68 19.13 14.14
CA TYR E 146 -10.37 18.15 13.11
C TYR E 146 -11.61 17.33 12.75
N THR E 147 -12.29 16.81 13.77
CA THR E 147 -13.58 16.15 13.61
C THR E 147 -14.54 17.01 12.79
N ARG E 148 -14.57 18.31 13.09
CA ARG E 148 -15.53 19.20 12.43
C ARG E 148 -15.27 19.23 10.93
N GLN E 149 -13.99 19.36 10.53
CA GLN E 149 -13.60 19.50 9.15
C GLN E 149 -13.94 18.24 8.35
N LEU E 150 -13.73 17.09 9.00
CA LEU E 150 -14.03 15.81 8.38
C LEU E 150 -15.52 15.73 8.08
N HIS E 151 -16.31 16.04 9.10
CA HIS E 151 -17.76 16.04 8.94
C HIS E 151 -18.13 17.02 7.84
N GLN E 152 -17.53 18.22 7.89
CA GLN E 152 -17.75 19.25 6.88
C GLN E 152 -17.54 18.65 5.50
N LEU E 153 -16.47 17.84 5.33
CA LEU E 153 -16.18 17.23 4.04
C LEU E 153 -17.31 16.26 3.70
N GLY E 154 -17.65 15.41 4.68
CA GLY E 154 -18.76 14.48 4.56
C GLY E 154 -20.03 15.18 4.08
N LEU E 155 -20.30 16.37 4.67
CA LEU E 155 -21.49 17.15 4.42
C LEU E 155 -21.54 17.60 2.97
N GLU E 156 -20.45 18.24 2.48
CA GLU E 156 -20.47 18.78 1.14
C GLU E 156 -20.73 17.64 0.13
N SER E 157 -20.17 16.45 0.41
CA SER E 157 -20.33 15.32 -0.48
C SER E 157 -21.82 14.96 -0.56
N SER E 158 -22.44 14.81 0.61
CA SER E 158 -23.85 14.47 0.70
C SER E 158 -24.66 15.48 -0.12
N GLU E 159 -24.37 16.77 0.11
CA GLU E 159 -25.05 17.84 -0.59
C GLU E 159 -24.97 17.60 -2.09
N ARG E 160 -23.77 17.33 -2.60
CA ARG E 160 -23.59 17.11 -4.03
C ARG E 160 -24.43 15.91 -4.48
N GLU E 161 -24.41 14.83 -3.69
CA GLU E 161 -25.08 13.60 -4.09
C GLU E 161 -26.59 13.78 -4.10
N VAL E 162 -27.15 14.42 -3.06
CA VAL E 162 -28.57 14.73 -3.04
C VAL E 162 -28.93 15.52 -4.30
N LYS E 163 -28.21 16.63 -4.55
CA LYS E 163 -28.48 17.47 -5.70
C LYS E 163 -28.51 16.61 -6.94
N TRP E 164 -27.61 15.63 -7.02
CA TRP E 164 -27.51 14.77 -8.18
C TRP E 164 -28.74 13.89 -8.27
N LEU E 165 -29.17 13.32 -7.14
CA LEU E 165 -30.26 12.36 -7.12
C LEU E 165 -31.54 13.06 -7.57
N ASN E 166 -31.71 14.31 -7.12
CA ASN E 166 -32.86 15.12 -7.50
C ASN E 166 -32.86 15.32 -9.01
N GLU E 167 -31.71 15.66 -9.57
CA GLU E 167 -31.58 15.84 -11.01
C GLU E 167 -31.89 14.52 -11.71
N LEU E 168 -31.44 13.44 -11.10
CA LEU E 168 -31.63 12.12 -11.65
C LEU E 168 -33.08 11.69 -11.43
N ILE E 169 -33.73 12.20 -10.40
CA ILE E 169 -35.07 11.84 -10.04
C ILE E 169 -36.07 12.47 -10.99
N ALA E 170 -35.81 13.58 -11.70
CA ALA E 170 -36.76 13.98 -12.76
C ALA E 170 -36.74 13.05 -13.98
N ALA E 171 -37.13 11.79 -13.81
CA ALA E 171 -37.25 10.78 -14.85
C ALA E 171 -38.72 10.68 -15.26
N GLU E 172 -39.59 11.11 -14.36
CA GLU E 172 -41.01 11.29 -14.66
C GLU E 172 -41.20 12.38 -15.72
N ARG E 173 -40.28 13.36 -15.77
CA ARG E 173 -40.33 14.46 -16.71
C ARG E 173 -40.34 13.94 -18.13
N ALA E 174 -39.39 13.03 -18.45
CA ALA E 174 -39.37 12.35 -19.74
C ALA E 174 -40.54 11.35 -19.84
N PHE F 2 12.30 0.92 44.45
CA PHE F 2 11.28 0.54 43.41
C PHE F 2 11.20 1.61 42.33
N MET F 3 10.47 1.26 41.26
CA MET F 3 10.33 2.09 40.06
C MET F 3 11.70 2.31 39.41
N LEU F 4 12.62 1.34 39.53
CA LEU F 4 13.71 1.21 38.58
C LEU F 4 13.10 0.60 37.32
N GLU F 5 12.96 1.43 36.30
CA GLU F 5 12.18 1.19 35.09
C GLU F 5 12.09 2.52 34.35
N LEU F 6 11.69 3.57 35.07
CA LEU F 6 11.88 4.95 34.65
C LEU F 6 13.35 5.17 34.29
N ALA F 7 14.26 4.72 35.15
CA ALA F 7 15.67 4.88 34.89
C ALA F 7 16.03 4.22 33.55
N ILE F 8 15.57 2.97 33.40
CA ILE F 8 15.97 2.15 32.27
C ILE F 8 15.33 2.70 30.99
N LEU F 9 13.99 2.84 31.03
CA LEU F 9 13.21 3.33 29.91
C LEU F 9 13.71 4.71 29.51
N GLY F 10 13.99 5.56 30.49
CA GLY F 10 14.41 6.93 30.22
C GLY F 10 15.78 6.98 29.57
N LEU F 11 16.63 5.99 29.88
CA LEU F 11 17.96 5.94 29.29
C LEU F 11 17.83 5.35 27.89
N LEU F 12 17.05 4.26 27.81
CA LEU F 12 17.07 3.32 26.72
C LEU F 12 16.65 4.02 25.45
N ILE F 13 15.58 4.81 25.54
CA ILE F 13 15.00 5.44 24.35
C ILE F 13 16.04 6.34 23.66
N GLU F 14 16.90 6.99 24.47
CA GLU F 14 17.93 7.89 24.00
C GLU F 14 18.86 7.23 22.98
N SER F 15 19.44 6.04 23.27
CA SER F 15 20.08 5.25 22.19
C SER F 15 20.28 3.77 22.52
N PRO F 16 19.26 2.89 22.32
CA PRO F 16 19.28 1.53 22.87
C PRO F 16 20.54 0.69 22.91
N MET F 17 21.38 0.89 23.94
CA MET F 17 22.65 0.19 24.08
C MET F 17 22.50 -1.06 24.96
N HIS F 18 23.64 -1.72 25.20
CA HIS F 18 23.79 -2.88 26.06
C HIS F 18 24.23 -2.42 27.45
N GLY F 19 24.66 -3.40 28.26
CA GLY F 19 25.23 -3.16 29.59
C GLY F 19 26.22 -2.01 29.59
N TYR F 20 27.17 -1.97 28.64
CA TYR F 20 28.06 -0.83 28.47
C TYR F 20 27.18 0.42 28.24
N GLU F 21 27.16 1.32 29.23
CA GLU F 21 26.38 2.55 29.19
C GLU F 21 25.05 2.45 29.95
N LEU F 22 24.46 1.24 30.13
CA LEU F 22 23.30 1.11 31.00
C LEU F 22 23.83 1.19 32.42
N ARG F 23 24.56 0.14 32.81
CA ARG F 23 25.14 0.02 34.15
C ARG F 23 26.03 1.23 34.44
N LYS F 24 26.83 1.64 33.45
CA LYS F 24 27.68 2.81 33.59
C LYS F 24 26.84 4.05 33.92
N ARG F 25 25.85 4.32 33.06
CA ARG F 25 25.06 5.54 33.23
C ARG F 25 24.17 5.39 34.47
N LEU F 26 23.53 4.23 34.58
CA LEU F 26 22.71 3.85 35.72
C LEU F 26 23.49 4.07 37.03
N THR F 27 24.76 3.60 37.03
CA THR F 27 25.58 3.74 38.21
C THR F 27 25.82 5.21 38.50
N GLY F 28 25.95 6.03 37.46
CA GLY F 28 26.19 7.44 37.63
C GLY F 28 25.01 8.19 38.22
N LEU F 29 24.05 7.52 38.89
CA LEU F 29 23.05 8.19 39.70
C LEU F 29 23.62 8.52 41.08
N LEU F 30 24.53 7.67 41.60
CA LEU F 30 25.19 7.90 42.88
C LEU F 30 26.69 7.53 42.89
N GLY F 31 27.11 6.33 42.43
CA GLY F 31 28.52 6.10 42.12
C GLY F 31 29.38 5.21 43.05
N ALA F 32 30.04 4.20 42.46
CA ALA F 32 31.10 3.43 43.10
C ALA F 32 30.57 2.04 43.48
N GLY F 39 25.27 -2.14 39.90
CA GLY F 39 24.77 -3.52 40.14
C GLY F 39 24.42 -4.23 38.84
N SER F 40 23.69 -5.34 38.95
CA SER F 40 23.07 -5.97 37.80
C SER F 40 21.57 -5.61 37.72
N LEU F 41 21.27 -4.73 36.76
CA LEU F 41 19.94 -4.42 36.26
C LEU F 41 19.27 -5.63 35.56
N TYR F 42 19.99 -6.74 35.39
CA TYR F 42 19.67 -7.73 34.35
C TYR F 42 18.32 -8.40 34.58
N PRO F 43 17.91 -8.78 35.82
CA PRO F 43 16.57 -9.36 36.02
C PRO F 43 15.43 -8.40 35.66
N ALA F 44 15.65 -7.09 35.91
CA ALA F 44 14.71 -6.07 35.52
C ALA F 44 14.57 -6.02 33.99
N LEU F 45 15.68 -6.18 33.27
CA LEU F 45 15.68 -6.15 31.82
C LEU F 45 14.98 -7.39 31.24
N ARG F 46 15.17 -8.55 31.89
CA ARG F 46 14.51 -9.79 31.51
C ARG F 46 13.00 -9.63 31.67
N ARG F 47 12.59 -9.06 32.83
CA ARG F 47 11.19 -8.72 33.10
C ARG F 47 10.68 -7.69 32.09
N MET F 48 11.44 -6.61 31.90
CA MET F 48 10.99 -5.49 31.07
C MET F 48 10.90 -5.92 29.61
N GLN F 49 11.74 -6.88 29.21
CA GLN F 49 11.65 -7.51 27.90
C GLN F 49 10.34 -8.28 27.78
N ALA F 50 9.99 -9.05 28.83
CA ALA F 50 8.87 -9.97 28.85
C ALA F 50 7.56 -9.20 28.70
N ASP F 51 7.45 -8.09 29.45
CA ASP F 51 6.26 -7.27 29.40
C ASP F 51 6.22 -6.41 28.13
N GLY F 52 7.26 -6.46 27.31
CA GLY F 52 7.24 -5.84 25.99
C GLY F 52 7.48 -4.33 26.07
N LEU F 53 8.40 -3.94 26.96
CA LEU F 53 8.76 -2.56 27.18
C LEU F 53 10.10 -2.29 26.49
N ILE F 54 10.93 -3.34 26.37
CA ILE F 54 12.24 -3.25 25.74
C ILE F 54 12.44 -4.43 24.78
N LEU F 74 14.01 0.59 23.22
CA LEU F 74 12.65 0.77 23.81
C LEU F 74 11.61 0.41 22.75
N THR F 75 10.48 -0.15 23.19
CA THR F 75 9.36 -0.50 22.32
C THR F 75 8.37 0.68 22.25
N ASP F 76 7.28 0.53 21.48
CA ASP F 76 6.20 1.50 21.48
C ASP F 76 5.50 1.50 22.83
N LYS F 77 5.21 0.28 23.34
CA LYS F 77 4.67 0.08 24.68
C LYS F 77 5.62 0.70 25.70
N GLY F 78 6.92 0.55 25.44
CA GLY F 78 7.97 1.21 26.21
C GLY F 78 7.86 2.73 26.21
N ARG F 79 7.72 3.36 25.04
CA ARG F 79 7.63 4.81 24.91
C ARG F 79 6.42 5.33 25.69
N ARG F 80 5.29 4.61 25.63
CA ARG F 80 4.09 4.93 26.38
C ARG F 80 4.36 4.84 27.89
N ARG F 81 4.95 3.72 28.32
CA ARG F 81 5.15 3.41 29.74
C ARG F 81 6.01 4.50 30.39
N PHE F 82 7.05 4.95 29.65
CA PHE F 82 7.89 6.03 30.11
C PHE F 82 7.00 7.27 30.30
N GLY F 83 6.20 7.58 29.30
CA GLY F 83 5.32 8.75 29.32
C GLY F 83 4.41 8.77 30.55
N GLU F 84 3.99 7.59 31.03
CA GLU F 84 3.29 7.51 32.30
C GLU F 84 4.25 7.91 33.43
N LEU F 85 5.39 7.22 33.51
CA LEU F 85 6.25 7.30 34.67
C LEU F 85 6.84 8.71 34.84
N VAL F 86 7.24 9.35 33.73
CA VAL F 86 7.79 10.70 33.83
C VAL F 86 6.73 11.64 34.37
N ALA F 87 5.44 11.38 34.08
CA ALA F 87 4.36 12.21 34.59
C ALA F 87 4.17 12.01 36.10
N ASP F 88 4.47 10.81 36.61
CA ASP F 88 4.21 10.45 38.00
C ASP F 88 4.93 11.39 38.96
N THR F 89 4.26 11.68 40.09
CA THR F 89 4.76 12.64 41.07
C THR F 89 4.62 12.09 42.49
N GLY F 90 4.45 10.76 42.62
CA GLY F 90 4.18 10.13 43.91
C GLY F 90 5.37 10.20 44.87
N PRO F 91 5.19 9.87 46.17
CA PRO F 91 6.27 9.89 47.15
C PRO F 91 7.57 9.20 46.73
N HIS F 92 7.46 8.20 45.85
CA HIS F 92 8.63 7.49 45.34
C HIS F 92 9.60 8.45 44.66
N ASN F 93 9.12 9.62 44.21
CA ASN F 93 9.94 10.58 43.51
C ASN F 93 10.68 11.53 44.46
N TYR F 94 10.42 11.50 45.77
CA TYR F 94 10.97 12.54 46.63
C TYR F 94 12.23 12.09 47.38
N THR F 95 12.47 10.77 47.39
CA THR F 95 13.65 10.21 48.04
C THR F 95 14.88 10.59 47.23
N ASP F 96 16.07 10.47 47.88
CA ASP F 96 17.34 10.91 47.34
C ASP F 96 17.57 10.31 45.95
N ASP F 97 17.44 8.97 45.85
CA ASP F 97 17.61 8.26 44.59
C ASP F 97 16.43 8.56 43.66
N GLY F 98 15.21 8.52 44.21
CA GLY F 98 14.00 8.80 43.44
C GLY F 98 14.10 10.13 42.71
N PHE F 99 14.56 11.15 43.45
CA PHE F 99 14.56 12.52 42.96
C PHE F 99 15.59 12.66 41.84
N GLY F 100 16.82 12.25 42.13
CA GLY F 100 17.94 12.36 41.20
C GLY F 100 17.70 11.63 39.88
N VAL F 101 17.06 10.47 39.94
CA VAL F 101 16.68 9.74 38.73
C VAL F 101 15.65 10.56 37.94
N HIS F 102 14.59 11.04 38.61
CA HIS F 102 13.55 11.77 37.91
C HIS F 102 14.11 13.07 37.32
N LEU F 103 14.95 13.73 38.13
CA LEU F 103 15.51 15.03 37.78
C LEU F 103 16.29 14.92 36.48
N ALA F 104 16.87 13.74 36.22
CA ALA F 104 17.61 13.47 34.99
C ALA F 104 16.69 13.73 33.80
N PHE F 105 15.47 13.19 33.89
CA PHE F 105 14.53 13.22 32.78
C PHE F 105 13.53 14.38 32.91
N PHE F 106 13.92 15.45 33.61
CA PHE F 106 13.10 16.65 33.65
C PHE F 106 12.84 17.19 32.24
N ASN F 107 13.79 16.94 31.33
CA ASN F 107 13.69 17.30 29.92
C ASN F 107 12.34 16.85 29.37
N ARG F 108 11.89 15.65 29.78
CA ARG F 108 10.68 15.03 29.29
C ARG F 108 9.61 14.91 30.39
N THR F 109 9.66 15.80 31.41
CA THR F 109 8.69 15.82 32.50
C THR F 109 7.81 17.06 32.37
N PRO F 110 6.46 16.93 32.30
CA PRO F 110 5.57 18.08 32.14
C PRO F 110 5.71 19.10 33.27
N ALA F 111 5.58 20.39 32.93
CA ALA F 111 5.83 21.50 33.84
C ALA F 111 5.10 21.31 35.16
N GLU F 112 3.86 20.79 35.10
CA GLU F 112 3.06 20.52 36.29
C GLU F 112 3.77 19.52 37.18
N ALA F 113 4.15 18.37 36.60
CA ALA F 113 4.77 17.29 37.36
C ALA F 113 6.09 17.76 37.96
N ARG F 114 6.90 18.44 37.14
CA ARG F 114 8.16 18.99 37.60
C ARG F 114 7.93 19.77 38.89
N MET F 115 6.92 20.66 38.86
CA MET F 115 6.69 21.56 39.97
C MET F 115 6.30 20.76 41.21
N ARG F 116 5.44 19.75 41.03
CA ARG F 116 4.97 18.93 42.14
C ARG F 116 6.16 18.21 42.76
N ILE F 117 7.00 17.59 41.90
CA ILE F 117 8.15 16.81 42.35
C ILE F 117 9.10 17.69 43.17
N LEU F 118 9.46 18.86 42.63
CA LEU F 118 10.30 19.82 43.34
C LEU F 118 9.74 20.14 44.72
N GLU F 119 8.42 20.28 44.83
CA GLU F 119 7.79 20.63 46.10
C GLU F 119 7.84 19.44 47.06
N GLY F 120 7.51 18.26 46.55
CA GLY F 120 7.60 17.04 47.33
C GLY F 120 9.01 16.77 47.85
N ARG F 121 10.01 17.11 47.05
CA ARG F 121 11.40 17.02 47.47
C ARG F 121 11.67 18.04 48.56
N ARG F 122 11.21 19.28 48.33
CA ARG F 122 11.42 20.37 49.29
C ARG F 122 10.80 20.01 50.64
N ARG F 123 9.65 19.34 50.63
CA ARG F 123 9.02 18.88 51.86
C ARG F 123 9.93 17.91 52.59
N GLN F 124 10.54 17.00 51.83
CA GLN F 124 11.38 16.02 52.47
C GLN F 124 12.65 16.64 53.07
N VAL F 125 13.28 17.54 52.32
CA VAL F 125 14.53 18.13 52.80
C VAL F 125 14.25 19.09 53.94
N GLU F 126 13.11 19.81 53.86
CA GLU F 126 12.66 20.70 54.93
C GLU F 126 12.59 19.93 56.23
N GLU F 127 11.94 18.76 56.21
CA GLU F 127 11.73 17.98 57.41
C GLU F 127 13.08 17.47 57.94
N ARG F 128 13.97 17.08 57.01
CA ARG F 128 15.30 16.63 57.37
C ARG F 128 16.02 17.73 58.14
N ARG F 129 15.99 18.94 57.55
CA ARG F 129 16.60 20.13 58.13
C ARG F 129 16.06 20.39 59.55
N GLU F 130 14.76 20.18 59.75
CA GLU F 130 14.14 20.52 61.01
C GLU F 130 14.65 19.58 62.10
N GLY F 131 14.65 18.27 61.79
CA GLY F 131 15.18 17.27 62.68
C GLY F 131 16.61 17.60 63.14
N LEU F 132 17.39 18.11 62.16
CA LEU F 132 18.79 18.38 62.36
C LEU F 132 19.02 19.68 63.14
N ARG F 133 18.22 20.74 62.86
CA ARG F 133 18.21 21.94 63.67
C ARG F 133 17.87 21.57 65.11
N GLU F 134 16.80 20.77 65.27
CA GLU F 134 16.37 20.35 66.59
C GLU F 134 17.49 19.55 67.26
N ALA F 135 18.18 18.70 66.48
CA ALA F 135 19.25 17.86 67.02
C ALA F 135 20.40 18.69 67.59
N VAL F 136 20.80 19.73 66.83
CA VAL F 136 21.90 20.62 67.20
C VAL F 136 21.53 21.36 68.48
N ALA F 137 20.26 21.79 68.58
CA ALA F 137 19.79 22.58 69.70
C ALA F 137 20.12 21.90 71.01
N ARG F 138 19.89 20.57 71.11
CA ARG F 138 20.27 19.83 72.31
C ARG F 138 21.79 19.66 72.30
N ALA F 139 22.47 20.27 73.28
CA ALA F 139 23.92 20.48 73.31
C ALA F 139 24.22 21.67 74.24
N ASP F 144 29.12 16.35 74.47
CA ASP F 144 28.63 15.70 73.22
C ASP F 144 28.91 16.65 72.05
N ARG F 145 30.18 17.01 71.88
CA ARG F 145 30.66 17.96 70.90
C ARG F 145 30.65 17.34 69.50
N TYR F 146 30.83 16.02 69.41
CA TYR F 146 31.16 15.34 68.16
C TYR F 146 29.89 15.15 67.34
N THR F 147 28.87 14.56 68.00
CA THR F 147 27.56 14.39 67.39
C THR F 147 27.02 15.72 66.91
N ARG F 148 27.25 16.78 67.69
CA ARG F 148 26.74 18.10 67.35
C ARG F 148 27.30 18.56 66.02
N GLN F 149 28.61 18.40 65.82
CA GLN F 149 29.28 18.91 64.63
C GLN F 149 28.82 18.15 63.40
N LEU F 150 28.59 16.85 63.56
CA LEU F 150 28.11 16.01 62.48
C LEU F 150 26.74 16.53 62.03
N HIS F 151 25.86 16.70 63.01
CA HIS F 151 24.53 17.22 62.73
C HIS F 151 24.67 18.58 62.08
N GLN F 152 25.54 19.43 62.63
CA GLN F 152 25.80 20.76 62.10
C GLN F 152 26.14 20.66 60.62
N LEU F 153 26.95 19.65 60.25
CA LEU F 153 27.33 19.46 58.85
C LEU F 153 26.08 19.08 58.06
N GLY F 154 25.35 18.10 58.60
CA GLY F 154 24.07 17.66 58.03
C GLY F 154 23.16 18.84 57.75
N LEU F 155 23.09 19.77 58.73
CA LEU F 155 22.22 20.93 58.70
C LEU F 155 22.60 21.85 57.53
N GLU F 156 23.88 22.24 57.44
CA GLU F 156 24.29 23.18 56.42
C GLU F 156 23.99 22.58 55.05
N SER F 157 24.13 21.27 54.88
CA SER F 157 23.88 20.64 53.59
C SER F 157 22.41 20.83 53.22
N SER F 158 21.52 20.51 54.17
CA SER F 158 20.09 20.65 53.98
C SER F 158 19.78 22.10 53.57
N GLU F 159 20.36 23.04 54.32
CA GLU F 159 20.18 24.45 54.07
C GLU F 159 20.53 24.75 52.62
N ARG F 160 21.68 24.29 52.15
CA ARG F 160 22.12 24.56 50.79
C ARG F 160 21.09 23.95 49.82
N GLU F 161 20.62 22.74 50.09
CA GLU F 161 19.74 22.05 49.16
C GLU F 161 18.39 22.77 49.08
N VAL F 162 17.81 23.12 50.24
CA VAL F 162 16.58 23.90 50.26
C VAL F 162 16.75 25.17 49.41
N LYS F 163 17.80 25.96 49.72
CA LYS F 163 18.04 27.21 49.01
C LYS F 163 18.05 26.92 47.51
N TRP F 164 18.62 25.79 47.12
CA TRP F 164 18.72 25.43 45.72
C TRP F 164 17.34 25.13 45.15
N LEU F 165 16.53 24.38 45.92
CA LEU F 165 15.22 23.92 45.46
C LEU F 165 14.34 25.14 45.23
N ASN F 166 14.43 26.13 46.16
CA ASN F 166 13.69 27.37 46.07
C ASN F 166 14.03 28.08 44.75
N GLU F 167 15.32 28.16 44.44
CA GLU F 167 15.77 28.80 43.22
C GLU F 167 15.21 28.04 42.03
N LEU F 168 15.15 26.71 42.16
CA LEU F 168 14.70 25.89 41.06
C LEU F 168 13.18 25.98 40.94
N ILE F 169 12.49 26.12 42.08
CA ILE F 169 11.04 26.31 42.06
C ILE F 169 10.69 27.67 41.45
N ALA F 170 11.42 28.71 41.88
CA ALA F 170 11.23 30.07 41.45
C ALA F 170 11.31 30.13 39.93
N ALA F 171 12.31 29.43 39.38
CA ALA F 171 12.59 29.45 37.95
C ALA F 171 11.41 28.84 37.19
N GLU F 172 10.84 27.75 37.72
CA GLU F 172 9.79 27.05 36.99
C GLU F 172 8.53 27.90 36.88
N ARG F 173 8.26 28.74 37.89
CA ARG F 173 7.09 29.61 37.87
C ARG F 173 7.21 30.60 36.72
N ALA F 174 8.38 31.26 36.64
CA ALA F 174 8.65 32.32 35.68
C ALA F 174 8.67 31.75 34.25
N ALA F 175 7.72 32.24 33.44
CA ALA F 175 7.43 31.69 32.12
C ALA F 175 7.41 32.79 31.06
#